data_5FKZ
#
_entry.id   5FKZ
#
_cell.length_a   1.000
_cell.length_b   1.000
_cell.length_c   1.000
_cell.angle_alpha   90.00
_cell.angle_beta   90.00
_cell.angle_gamma   90.00
#
_symmetry.space_group_name_H-M   'P 1'
#
_entity_poly.entity_id   1
_entity_poly.type   'polypeptide(L)'
_entity_poly.pdbx_seq_one_letter_code
;MNIIAIMGPHGVFYKDEPIKELESALVAQGFQIIWPQNSVDLLKFIEHNPRICGVIFDWDEYSLDLCSDINQLNEYLPLY
AFINTHSTMDVSVQDMRMALWFFEYALGQAEDIAIRMRQYTDEYLDNITPPFTKALFTYVKERKYTFCTPGHMGGTAYQK
SPVGCLFYDFFGGNTLKADVSISVTELGSLLDHTGPHLEAEEYIARTFGAEQSYIVTNGTSTSNKIVGMYAAPSGSTLLI
DRNCHKSLAHLLMMNDVVPVWLKPTRNALGILGGIPRREFTRDSIEEKVAATTQAQWPVHAVITNSTYDGLLYNTDWIKQ
TLDVPSIHFDSAWVPYTHFHPIYQGKSGMSGERVAGKVIFETQSTHKMLAALSQASLIHIKGEYDEEAFNEAFMMHTTTS
PSYPIVASVETAAAMLRGNPGKRLINRSVERALHFRKEVQRLREESDGWFFDIWQPPQVDEAECWPVAPGEQWHGFNDAD
ADHMFLDPVKVTILTPGMDEQGNMSEEGIPAALVAKFLDERGIVVEKTGPYNLLFLFSIGIDKTKAMGLLRGLTEFKRSY
DLNLRIKNMLPDLYAEDPDFYRNMRIQDLAQGIHKLIRKHDLPGLMLRAFDTLPEMIMTPHQAWQRQIKGEVETIALEQL
VGRVSANMILPYPPGVPLLMPGEMLTKESRTVLDFLLMLCSVGQHYPGFETDIHGAKQDEDGVYRVRVLK
;
_entity_poly.pdbx_strand_id   E
#
# COMPACT_ATOMS: atom_id res chain seq x y z
N MET A 1 13.43 -9.05 23.15
CA MET A 1 13.60 -10.51 23.09
C MET A 1 14.33 -11.02 24.34
N ASN A 2 13.57 -11.18 25.42
CA ASN A 2 14.17 -11.61 26.71
C ASN A 2 13.22 -12.40 27.61
N ILE A 3 12.14 -12.92 27.04
CA ILE A 3 11.20 -13.70 27.86
C ILE A 3 11.46 -15.20 27.62
N ILE A 4 11.76 -15.88 28.71
CA ILE A 4 11.97 -17.34 28.70
C ILE A 4 10.78 -17.96 29.43
N ALA A 5 10.20 -18.96 28.78
CA ALA A 5 9.10 -19.74 29.38
C ALA A 5 9.61 -21.06 29.93
N ILE A 6 9.31 -21.29 31.20
CA ILE A 6 9.56 -22.60 31.85
C ILE A 6 8.18 -23.24 32.10
N MET A 7 8.09 -24.50 31.71
CA MET A 7 6.84 -25.26 31.87
C MET A 7 6.95 -26.40 32.88
N GLY A 8 6.97 -26.04 34.16
CA GLY A 8 6.48 -26.99 35.15
C GLY A 8 7.10 -27.17 36.54
N PRO A 9 6.21 -27.37 37.52
CA PRO A 9 6.51 -27.94 38.83
C PRO A 9 6.50 -29.48 38.72
N HIS A 10 7.52 -30.13 39.27
CA HIS A 10 7.69 -31.58 39.11
C HIS A 10 7.51 -32.40 40.40
N GLY A 11 7.86 -31.74 41.53
CA GLY A 11 7.69 -32.34 42.87
C GLY A 11 8.90 -33.18 43.30
N VAL A 12 10.04 -32.91 42.68
CA VAL A 12 11.30 -33.56 43.02
C VAL A 12 12.43 -32.54 43.07
N PHE A 13 13.15 -32.56 44.18
CA PHE A 13 14.26 -31.62 44.41
C PHE A 13 15.40 -31.78 43.40
N TYR A 14 15.66 -33.03 43.02
CA TYR A 14 16.72 -33.33 42.03
C TYR A 14 16.51 -32.64 40.68
N LYS A 15 15.24 -32.37 40.34
CA LYS A 15 14.89 -31.62 39.12
C LYS A 15 14.65 -30.14 39.40
N ASP A 16 13.99 -29.84 40.52
CA ASP A 16 13.59 -28.46 40.85
C ASP A 16 14.74 -27.54 41.27
N GLU A 17 15.64 -28.04 42.10
CA GLU A 17 16.81 -27.26 42.54
C GLU A 17 17.69 -26.77 41.38
N PRO A 18 18.04 -27.66 40.42
CA PRO A 18 18.81 -27.27 39.22
C PRO A 18 18.10 -26.18 38.41
N ILE A 19 16.77 -26.21 38.39
CA ILE A 19 15.98 -25.18 37.70
C ILE A 19 16.00 -23.85 38.45
N LYS A 20 16.03 -23.94 39.77
CA LYS A 20 16.16 -22.75 40.64
C LYS A 20 17.50 -22.05 40.40
N GLU A 21 18.55 -22.86 40.31
CA GLU A 21 19.90 -22.36 40.02
C GLU A 21 19.98 -21.74 38.62
N LEU A 22 19.20 -22.31 37.70
CA LEU A 22 19.12 -21.80 36.33
C LEU A 22 18.35 -20.48 36.24
N GLU A 23 17.29 -20.38 37.03
CA GLU A 23 16.51 -19.14 37.15
C GLU A 23 17.43 -18.00 37.58
N SER A 24 18.30 -18.28 38.55
CA SER A 24 19.19 -17.27 39.14
C SER A 24 20.30 -16.85 38.17
N ALA A 25 20.83 -17.84 37.45
CA ALA A 25 21.87 -17.58 36.43
C ALA A 25 21.32 -16.76 35.26
N LEU A 26 20.05 -17.00 34.92
CA LEU A 26 19.35 -16.28 33.85
C LEU A 26 18.99 -14.84 34.21
N VAL A 27 18.56 -14.65 35.45
CA VAL A 27 18.26 -13.29 35.96
C VAL A 27 19.53 -12.43 35.96
N ALA A 28 20.66 -13.08 36.27
CA ALA A 28 21.98 -12.44 36.25
C ALA A 28 22.35 -11.94 34.85
N GLN A 29 21.80 -12.60 33.83
CA GLN A 29 21.98 -12.18 32.43
C GLN A 29 20.82 -11.30 31.92
N GLY A 30 19.96 -10.89 32.87
CA GLY A 30 18.84 -9.97 32.61
C GLY A 30 17.73 -10.55 31.72
N PHE A 31 17.45 -11.83 31.87
CA PHE A 31 16.26 -12.44 31.25
C PHE A 31 15.06 -12.34 32.20
N GLN A 32 13.90 -12.16 31.60
CA GLN A 32 12.62 -12.29 32.34
C GLN A 32 12.12 -13.71 32.12
N ILE A 33 11.60 -14.28 33.20
CA ILE A 33 11.14 -15.69 33.19
C ILE A 33 9.61 -15.66 33.25
N ILE A 34 9.01 -16.39 32.32
CA ILE A 34 7.55 -16.51 32.23
C ILE A 34 7.14 -17.97 32.30
N TRP A 35 6.00 -18.23 32.93
CA TRP A 35 5.52 -19.58 33.20
C TRP A 35 4.09 -19.82 32.66
N PRO A 36 4.00 -20.32 31.42
CA PRO A 36 2.72 -20.69 30.82
C PRO A 36 2.11 -21.85 31.61
N GLN A 37 0.79 -21.84 31.69
CA GLN A 37 0.02 -22.84 32.45
C GLN A 37 0.20 -24.26 31.90
N ASN A 38 0.14 -24.37 30.58
CA ASN A 38 0.18 -25.66 29.86
C ASN A 38 0.53 -25.45 28.39
N SER A 39 0.36 -26.50 27.60
CA SER A 39 0.73 -26.51 26.17
C SER A 39 -0.01 -25.44 25.34
N VAL A 40 -1.32 -25.34 25.59
CA VAL A 40 -2.17 -24.35 24.87
C VAL A 40 -1.76 -22.91 25.20
N ASP A 41 -1.53 -22.69 26.50
CA ASP A 41 -1.15 -21.36 27.00
C ASP A 41 0.21 -20.94 26.42
N LEU A 42 1.11 -21.92 26.30
CA LEU A 42 2.42 -21.68 25.67
C LEU A 42 2.30 -21.32 24.19
N LEU A 43 1.45 -22.06 23.49
CA LEU A 43 1.27 -21.85 22.05
C LEU A 43 0.68 -20.48 21.72
N LYS A 44 -0.26 -20.05 22.57
CA LYS A 44 -0.85 -18.70 22.45
C LYS A 44 0.16 -17.63 22.83
N PHE A 45 0.97 -17.92 23.85
CA PHE A 45 2.02 -17.00 24.28
C PHE A 45 3.08 -16.80 23.18
N ILE A 46 3.41 -17.87 22.50
CA ILE A 46 4.36 -17.83 21.36
C ILE A 46 3.73 -17.07 20.19
N GLU A 47 2.49 -17.47 19.88
CA GLU A 47 1.73 -16.91 18.76
C GLU A 47 1.57 -15.38 18.88
N HIS A 48 1.40 -14.91 20.10
CA HIS A 48 1.10 -13.49 20.37
C HIS A 48 2.32 -12.66 20.76
N ASN A 49 3.38 -13.33 21.20
CA ASN A 49 4.55 -12.61 21.73
C ASN A 49 5.82 -13.07 21.00
N PRO A 50 6.26 -12.33 19.99
CA PRO A 50 7.51 -12.63 19.25
C PRO A 50 8.77 -12.54 20.11
N ARG A 51 8.63 -11.90 21.28
CA ARG A 51 9.75 -11.72 22.21
C ARG A 51 10.11 -12.99 23.00
N ILE A 52 9.19 -14.02 22.89
CA ILE A 52 9.44 -15.36 23.42
C ILE A 52 10.54 -16.05 22.66
N CYS A 53 11.67 -16.17 23.35
CA CYS A 53 12.86 -16.63 22.66
C CYS A 53 13.46 -17.93 23.21
N GLY A 54 12.71 -18.62 24.07
CA GLY A 54 13.18 -19.89 24.63
C GLY A 54 12.12 -20.60 25.46
N VAL A 55 12.21 -21.92 25.43
CA VAL A 55 11.29 -22.79 26.18
C VAL A 55 12.11 -23.90 26.86
N ILE A 56 11.88 -24.04 28.16
CA ILE A 56 12.48 -25.13 28.97
C ILE A 56 11.35 -26.12 29.27
N PHE A 57 11.68 -27.39 29.16
CA PHE A 57 10.70 -28.47 29.40
C PHE A 57 11.41 -29.82 29.58
N ASP A 58 10.77 -30.67 30.38
CA ASP A 58 11.20 -32.07 30.54
C ASP A 58 10.96 -32.79 29.21
N TRP A 59 12.01 -33.46 28.74
CA TRP A 59 11.99 -34.14 27.42
C TRP A 59 10.86 -35.16 27.29
N ASP A 60 10.81 -36.11 28.23
CA ASP A 60 9.81 -37.19 28.18
C ASP A 60 8.37 -36.69 28.30
N GLU A 61 8.19 -35.65 29.13
CA GLU A 61 6.86 -35.10 29.40
C GLU A 61 6.22 -34.44 28.17
N TYR A 62 7.05 -33.80 27.35
CA TYR A 62 6.53 -32.91 26.29
C TYR A 62 6.97 -33.14 24.85
N SER A 63 8.13 -33.72 24.61
CA SER A 63 8.70 -33.80 23.25
C SER A 63 7.74 -34.37 22.18
N LEU A 64 7.08 -35.48 22.51
CA LEU A 64 6.11 -36.12 21.60
C LEU A 64 4.81 -35.35 21.41
N ASP A 65 4.57 -34.41 22.32
CA ASP A 65 3.38 -33.56 22.32
C ASP A 65 3.62 -32.13 21.80
N LEU A 66 4.89 -31.70 21.79
CA LEU A 66 5.24 -30.32 21.46
C LEU A 66 5.96 -30.11 20.13
N CYS A 67 6.88 -31.02 19.81
CA CYS A 67 7.86 -30.79 18.72
C CYS A 67 7.23 -30.39 17.38
N SER A 68 6.15 -31.09 16.99
CA SER A 68 5.47 -30.79 15.72
C SER A 68 4.68 -29.47 15.80
N ASP A 69 4.01 -29.28 16.93
CA ASP A 69 3.20 -28.06 17.17
C ASP A 69 4.05 -26.78 17.18
N ILE A 70 5.22 -26.85 17.82
CA ILE A 70 6.13 -25.69 17.89
C ILE A 70 6.79 -25.44 16.52
N ASN A 71 7.19 -26.51 15.85
CA ASN A 71 7.79 -26.41 14.50
C ASN A 71 6.88 -25.66 13.53
N GLN A 72 5.60 -25.87 13.74
CA GLN A 72 4.57 -25.25 12.90
C GLN A 72 4.52 -23.72 13.07
N LEU A 73 4.76 -23.26 14.29
CA LEU A 73 4.71 -21.82 14.62
C LEU A 73 6.04 -21.10 14.45
N ASN A 74 7.12 -21.77 14.85
CA ASN A 74 8.44 -21.14 14.90
C ASN A 74 9.51 -22.24 14.76
N GLU A 75 10.06 -22.27 13.58
CA GLU A 75 11.05 -23.38 13.27
C GLU A 75 12.31 -23.18 14.14
N TYR A 76 12.57 -22.16 14.66
CA TYR A 76 13.92 -21.59 15.12
C TYR A 76 13.94 -21.34 16.60
N LEU A 77 12.77 -21.47 17.23
CA LEU A 77 12.56 -21.27 18.63
C LEU A 77 13.38 -22.25 19.48
N PRO A 78 14.29 -21.69 20.23
CA PRO A 78 15.09 -22.37 21.27
C PRO A 78 14.33 -23.35 22.15
N LEU A 79 14.71 -24.61 22.14
CA LEU A 79 14.16 -25.52 23.13
C LEU A 79 15.29 -26.08 23.99
N TYR A 80 15.05 -26.07 25.29
CA TYR A 80 16.03 -26.53 26.28
C TYR A 80 15.45 -27.76 26.98
N ALA A 81 15.80 -28.90 26.42
CA ALA A 81 15.24 -30.19 26.83
C ALA A 81 16.10 -30.85 27.90
N PHE A 82 15.44 -31.15 29.01
CA PHE A 82 16.07 -31.85 30.14
C PHE A 82 15.69 -33.32 30.11
N ILE A 83 16.72 -34.15 30.06
CA ILE A 83 16.60 -35.59 29.80
C ILE A 83 16.58 -36.41 31.09
N ASN A 84 15.84 -37.50 31.03
CA ASN A 84 15.90 -38.58 32.02
C ASN A 84 16.93 -39.61 31.56
N THR A 85 17.37 -40.45 32.50
CA THR A 85 18.36 -41.51 32.22
C THR A 85 17.90 -42.43 31.07
N HIS A 86 16.61 -42.75 31.06
CA HIS A 86 16.07 -43.70 30.08
C HIS A 86 15.47 -43.07 28.81
N SER A 87 15.60 -41.75 28.66
CA SER A 87 15.10 -41.06 27.45
C SER A 87 15.75 -41.66 26.20
N THR A 88 14.93 -41.82 25.17
CA THR A 88 15.38 -42.35 23.87
C THR A 88 14.91 -41.43 22.73
N MET A 89 15.40 -41.69 21.53
CA MET A 89 15.07 -40.91 20.33
C MET A 89 14.18 -41.70 19.38
N ASP A 90 12.90 -41.31 19.35
CA ASP A 90 11.92 -41.92 18.44
C ASP A 90 12.24 -41.50 17.00
N VAL A 91 11.83 -42.30 16.03
CA VAL A 91 12.05 -42.00 14.60
C VAL A 91 11.49 -40.63 14.18
N SER A 92 10.57 -40.08 14.98
CA SER A 92 9.93 -38.79 14.69
C SER A 92 10.94 -37.63 14.61
N VAL A 93 12.09 -37.79 15.25
CA VAL A 93 13.17 -36.78 15.25
C VAL A 93 13.91 -36.68 13.90
N GLN A 94 14.04 -37.80 13.20
CA GLN A 94 14.94 -37.92 12.03
C GLN A 94 14.75 -36.87 10.94
N ASP A 95 13.50 -36.60 10.58
CA ASP A 95 13.21 -35.73 9.43
C ASP A 95 12.59 -34.37 9.80
N MET A 96 12.28 -34.22 11.08
CA MET A 96 11.75 -32.94 11.60
C MET A 96 12.86 -31.89 11.61
N ARG A 97 12.48 -30.66 11.37
CA ARG A 97 13.43 -29.53 11.46
C ARG A 97 13.37 -28.89 12.84
N MET A 98 14.15 -29.41 13.74
CA MET A 98 14.17 -28.98 15.15
C MET A 98 15.52 -28.39 15.49
N ALA A 99 15.48 -27.51 16.48
CA ALA A 99 16.69 -26.88 16.98
C ALA A 99 16.76 -27.17 18.49
N LEU A 100 17.45 -28.27 18.78
CA LEU A 100 17.46 -28.88 20.13
C LEU A 100 18.86 -28.86 20.74
N TRP A 101 18.90 -28.47 22.00
CA TRP A 101 20.08 -28.64 22.86
C TRP A 101 19.65 -29.51 24.04
N PHE A 102 20.48 -30.50 24.33
CA PHE A 102 20.17 -31.45 25.42
C PHE A 102 21.00 -31.10 26.66
N PHE A 103 20.29 -30.98 27.77
CA PHE A 103 20.87 -30.63 29.08
C PHE A 103 20.48 -31.64 30.15
N GLU A 104 21.36 -31.77 31.13
CA GLU A 104 21.11 -32.62 32.31
C GLU A 104 20.77 -31.72 33.51
N TYR A 105 19.97 -32.27 34.42
CA TYR A 105 19.66 -31.61 35.70
C TYR A 105 20.81 -31.82 36.69
N ALA A 106 21.70 -30.84 36.76
CA ALA A 106 22.87 -30.92 37.65
C ALA A 106 23.28 -29.55 38.17
N LEU A 107 23.62 -29.52 39.45
CA LEU A 107 24.16 -28.32 40.10
C LEU A 107 25.51 -27.94 39.48
N GLY A 108 25.72 -26.63 39.41
CA GLY A 108 26.97 -26.03 38.87
C GLY A 108 27.16 -26.19 37.35
N GLN A 109 26.06 -26.46 36.64
CA GLN A 109 26.08 -26.50 35.17
C GLN A 109 25.47 -25.24 34.54
N ALA A 110 24.84 -24.42 35.38
CA ALA A 110 24.06 -23.26 34.95
C ALA A 110 24.88 -22.19 34.23
N GLU A 111 26.12 -21.96 34.68
CA GLU A 111 27.00 -20.97 34.05
C GLU A 111 27.23 -21.28 32.57
N ASP A 112 27.57 -22.53 32.29
CA ASP A 112 27.77 -23.00 30.91
C ASP A 112 26.46 -23.06 30.12
N ILE A 113 25.39 -23.51 30.75
CA ILE A 113 24.09 -23.58 30.06
C ILE A 113 23.59 -22.17 29.68
N ALA A 114 23.71 -21.25 30.63
CA ALA A 114 23.30 -19.85 30.42
C ALA A 114 24.07 -19.19 29.27
N ILE A 115 25.37 -19.50 29.19
CA ILE A 115 26.23 -18.96 28.11
C ILE A 115 25.84 -19.58 26.76
N ARG A 116 25.45 -20.86 26.78
CA ARG A 116 24.99 -21.58 25.59
C ARG A 116 23.66 -21.02 25.08
N MET A 117 22.78 -20.69 26.03
CA MET A 117 21.48 -20.06 25.71
C MET A 117 21.68 -18.68 25.07
N ARG A 118 22.61 -17.90 25.63
CA ARG A 118 22.99 -16.59 25.07
C ARG A 118 23.57 -16.73 23.66
N GLN A 119 24.49 -17.69 23.55
CA GLN A 119 25.20 -17.99 22.31
C GLN A 119 24.25 -18.56 21.25
N TYR A 120 23.31 -19.39 21.70
CA TYR A 120 22.30 -19.98 20.83
C TYR A 120 21.23 -18.97 20.40
N THR A 121 20.87 -18.05 21.29
CA THR A 121 19.95 -16.95 20.96
C THR A 121 20.55 -16.07 19.86
N ASP A 122 21.85 -15.81 19.97
CA ASP A 122 22.57 -15.03 18.95
C ASP A 122 22.68 -15.78 17.62
N GLU A 123 22.83 -17.09 17.71
CA GLU A 123 22.87 -17.97 16.52
C GLU A 123 21.51 -18.04 15.82
N TYR A 124 20.45 -18.06 16.61
CA TYR A 124 19.06 -17.99 16.14
C TYR A 124 18.78 -16.65 15.44
N LEU A 125 19.18 -15.57 16.12
CA LEU A 125 19.05 -14.21 15.58
C LEU A 125 19.86 -14.02 14.30
N ASP A 126 21.07 -14.56 14.33
CA ASP A 126 22.00 -14.47 13.19
C ASP A 126 21.46 -15.20 11.96
N ASN A 127 20.73 -16.28 12.19
CA ASN A 127 20.12 -17.08 11.11
C ASN A 127 18.93 -16.37 10.46
N ILE A 128 18.14 -15.69 11.27
CA ILE A 128 16.86 -15.12 10.78
C ILE A 128 16.98 -13.65 10.37
N THR A 129 17.86 -12.93 11.06
CA THR A 129 18.17 -11.54 10.70
C THR A 129 18.84 -11.50 9.32
N PRO A 130 18.47 -10.50 8.52
CA PRO A 130 19.09 -10.25 7.21
C PRO A 130 20.52 -9.71 7.39
N PRO A 131 21.42 -10.02 6.45
CA PRO A 131 22.86 -9.71 6.57
C PRO A 131 23.26 -8.23 6.75
N PHE A 132 22.63 -7.31 6.02
CA PHE A 132 22.99 -5.88 6.11
C PHE A 132 22.56 -5.26 7.45
N THR A 133 21.31 -5.52 7.82
CA THR A 133 20.71 -5.01 9.07
C THR A 133 21.52 -5.52 10.27
N LYS A 134 21.95 -6.77 10.17
CA LYS A 134 22.77 -7.39 11.23
C LYS A 134 24.12 -6.67 11.36
N ALA A 135 24.70 -6.27 10.23
CA ALA A 135 25.96 -5.50 10.20
C ALA A 135 25.74 -4.05 10.65
N LEU A 136 24.65 -3.46 10.17
CA LEU A 136 24.29 -2.07 10.52
C LEU A 136 24.09 -1.91 12.03
N PHE A 137 23.28 -2.80 12.59
CA PHE A 137 22.98 -2.81 14.04
C PHE A 137 24.25 -2.99 14.88
N THR A 138 25.12 -3.86 14.39
CA THR A 138 26.41 -4.13 15.06
C THR A 138 27.32 -2.89 15.04
N TYR A 139 27.32 -2.17 13.91
CA TYR A 139 28.06 -0.90 13.78
C TYR A 139 27.49 0.18 14.71
N VAL A 140 26.18 0.38 14.61
CA VAL A 140 25.51 1.40 15.43
C VAL A 140 25.78 1.17 16.93
N LYS A 141 25.69 -0.09 17.34
CA LYS A 141 25.93 -0.47 18.74
C LYS A 141 27.40 -0.40 19.17
N GLU A 142 28.31 -0.72 18.26
CA GLU A 142 29.70 -1.02 18.64
C GLU A 142 30.79 -0.04 18.20
N ARG A 143 30.51 0.75 17.20
CA ARG A 143 31.61 1.40 16.48
C ARG A 143 31.92 2.82 16.90
N LYS A 144 33.15 3.23 16.60
CA LYS A 144 33.69 4.48 17.16
C LYS A 144 34.75 5.21 16.30
N TYR A 145 34.58 5.23 14.99
CA TYR A 145 35.52 5.99 14.13
C TYR A 145 35.61 7.46 14.57
N THR A 146 36.83 7.95 14.65
CA THR A 146 37.11 9.36 14.99
C THR A 146 37.87 10.02 13.83
N PHE A 147 37.85 11.35 13.80
CA PHE A 147 38.40 12.15 12.67
C PHE A 147 37.49 11.97 11.44
N CYS A 148 36.21 11.87 11.80
CA CYS A 148 35.10 11.55 10.89
C CYS A 148 34.02 12.64 10.94
N THR A 149 33.35 12.73 9.81
CA THR A 149 32.04 13.37 9.72
C THR A 149 31.03 12.22 9.50
N PRO A 150 29.72 12.46 9.63
CA PRO A 150 29.09 13.77 9.91
C PRO A 150 29.63 14.41 11.19
N GLY A 151 29.62 15.74 11.16
CA GLY A 151 30.11 16.58 12.28
C GLY A 151 29.29 16.44 13.57
N HIS A 152 27.99 16.21 13.41
CA HIS A 152 27.10 16.04 14.57
C HIS A 152 27.38 14.77 15.38
N MET A 153 27.81 13.71 14.68
CA MET A 153 28.25 12.44 15.27
C MET A 153 27.27 11.93 16.34
N GLY A 154 26.30 11.14 15.87
CA GLY A 154 25.24 10.58 16.74
C GLY A 154 24.28 11.65 17.31
N GLY A 155 24.21 12.78 16.60
CA GLY A 155 23.34 13.91 16.94
C GLY A 155 23.87 14.75 18.12
N THR A 156 25.17 14.64 18.39
CA THR A 156 25.87 15.42 19.44
C THR A 156 25.58 16.92 19.32
N ALA A 157 25.50 17.40 18.08
CA ALA A 157 25.31 18.84 17.80
C ALA A 157 23.95 19.35 18.30
N TYR A 158 22.98 18.45 18.33
CA TYR A 158 21.59 18.76 18.71
C TYR A 158 21.47 19.07 20.20
N GLN A 159 22.33 18.41 20.97
CA GLN A 159 22.30 18.51 22.44
C GLN A 159 22.86 19.83 22.98
N LYS A 160 23.55 20.58 22.12
CA LYS A 160 24.11 21.90 22.45
C LYS A 160 23.08 23.04 22.35
N SER A 161 21.86 22.67 22.00
CA SER A 161 20.76 23.63 21.79
C SER A 161 19.60 23.31 22.72
N PRO A 162 18.93 24.34 23.27
CA PRO A 162 17.71 24.19 24.09
C PRO A 162 16.61 23.45 23.31
N VAL A 163 16.18 23.98 22.19
CA VAL A 163 15.17 23.27 21.36
C VAL A 163 15.73 21.95 20.78
N GLY A 164 17.05 21.99 20.48
CA GLY A 164 17.76 20.85 19.91
C GLY A 164 17.72 19.63 20.84
N CYS A 165 17.75 19.89 22.14
CA CYS A 165 17.72 18.85 23.17
C CYS A 165 16.35 18.17 23.24
N LEU A 166 15.29 18.99 23.05
CA LEU A 166 13.91 18.48 22.96
C LEU A 166 13.71 17.63 21.70
N PHE A 167 14.35 18.07 20.63
CA PHE A 167 14.28 17.39 19.32
C PHE A 167 15.00 16.03 19.38
N TYR A 168 16.20 16.05 19.95
CA TYR A 168 17.03 14.85 20.15
C TYR A 168 16.27 13.81 21.00
N ASP A 169 15.71 14.27 22.12
CA ASP A 169 14.96 13.40 23.04
C ASP A 169 13.68 12.82 22.43
N PHE A 170 13.05 13.59 21.54
CA PHE A 170 11.82 13.14 20.87
C PHE A 170 12.11 11.99 19.89
N PHE A 171 13.11 12.20 19.04
CA PHE A 171 13.49 11.19 18.02
C PHE A 171 14.31 10.02 18.56
N GLY A 172 15.19 10.33 19.53
CA GLY A 172 16.01 9.30 20.19
C GLY A 172 17.37 9.13 19.50
N GLY A 173 18.23 8.41 20.21
CA GLY A 173 19.63 8.18 19.80
C GLY A 173 19.78 7.38 18.51
N ASN A 174 19.09 6.24 18.41
CA ASN A 174 19.19 5.37 17.21
C ASN A 174 18.91 6.10 15.89
N THR A 175 17.90 6.95 15.90
CA THR A 175 17.53 7.74 14.71
C THR A 175 18.66 8.71 14.35
N LEU A 176 19.31 9.25 15.37
CA LEU A 176 20.44 10.18 15.18
C LEU A 176 21.74 9.51 14.76
N LYS A 177 21.99 8.36 15.38
CA LYS A 177 23.22 7.59 15.11
C LYS A 177 23.20 6.91 13.74
N ALA A 178 22.00 6.53 13.28
CA ALA A 178 21.81 5.82 11.99
C ALA A 178 22.14 6.70 10.79
N ASP A 179 22.23 8.02 11.02
CA ASP A 179 22.58 8.98 9.98
C ASP A 179 24.10 8.95 9.74
N VAL A 180 24.47 8.13 8.77
CA VAL A 180 25.87 7.88 8.44
C VAL A 180 26.22 8.30 6.99
N SER A 181 27.48 8.12 6.62
CA SER A 181 28.00 8.32 5.27
C SER A 181 28.81 7.08 4.84
N ILE A 182 29.30 7.15 3.61
CA ILE A 182 30.15 6.11 2.99
C ILE A 182 31.51 5.95 3.68
N SER A 183 31.83 6.84 4.62
CA SER A 183 33.02 6.71 5.48
C SER A 183 33.04 5.35 6.20
N VAL A 184 31.86 4.80 6.45
CA VAL A 184 31.70 3.41 6.91
C VAL A 184 31.85 2.51 5.69
N THR A 185 33.10 2.15 5.45
CA THR A 185 33.49 1.50 4.18
C THR A 185 33.11 0.02 4.14
N GLU A 186 32.99 -0.60 5.32
CA GLU A 186 32.65 -2.03 5.42
C GLU A 186 31.23 -2.35 4.96
N LEU A 187 30.34 -1.36 4.97
CA LEU A 187 28.99 -1.53 4.42
C LEU A 187 28.88 -1.33 2.91
N GLY A 188 30.01 -0.97 2.28
CA GLY A 188 30.06 -0.76 0.82
C GLY A 188 29.28 0.51 0.44
N SER A 189 28.56 0.40 -0.66
CA SER A 189 27.86 1.57 -1.25
C SER A 189 26.57 1.16 -1.93
N LEU A 190 25.56 2.00 -1.69
CA LEU A 190 24.27 1.90 -2.36
C LEU A 190 24.36 2.15 -3.86
N LEU A 191 25.01 3.26 -4.17
CA LEU A 191 25.20 3.74 -5.55
C LEU A 191 26.02 2.79 -6.42
N ASP A 192 26.96 2.13 -5.77
CA ASP A 192 27.80 1.13 -6.46
C ASP A 192 27.16 -0.26 -6.48
N HIS A 193 26.18 -0.47 -5.59
CA HIS A 193 25.52 -1.79 -5.40
C HIS A 193 26.58 -2.83 -5.02
N THR A 194 27.40 -2.45 -4.05
CA THR A 194 28.59 -3.24 -3.67
C THR A 194 28.50 -3.70 -2.23
N GLY A 195 29.26 -4.77 -1.96
CA GLY A 195 29.35 -5.38 -0.63
C GLY A 195 27.98 -5.84 -0.11
N PRO A 196 27.71 -5.57 1.18
CA PRO A 196 26.42 -5.90 1.84
C PRO A 196 25.21 -5.31 1.11
N HIS A 197 25.38 -4.22 0.38
CA HIS A 197 24.29 -3.62 -0.43
C HIS A 197 23.85 -4.54 -1.57
N LEU A 198 24.82 -5.20 -2.20
CA LEU A 198 24.54 -6.22 -3.21
C LEU A 198 23.85 -7.45 -2.61
N GLU A 199 24.29 -7.79 -1.40
CA GLU A 199 23.69 -8.89 -0.64
C GLU A 199 22.22 -8.60 -0.29
N ALA A 200 21.94 -7.35 0.03
CA ALA A 200 20.58 -6.88 0.37
C ALA A 200 19.67 -6.93 -0.86
N GLU A 201 20.19 -6.45 -1.98
CA GLU A 201 19.44 -6.43 -3.25
C GLU A 201 19.12 -7.84 -3.77
N GLU A 202 20.04 -8.77 -3.56
CA GLU A 202 19.81 -10.18 -3.96
C GLU A 202 18.77 -10.86 -3.07
N TYR A 203 18.80 -10.48 -1.79
CA TYR A 203 17.85 -10.96 -0.76
C TYR A 203 16.42 -10.58 -1.17
N ILE A 204 16.27 -9.30 -1.51
CA ILE A 204 14.98 -8.73 -1.97
C ILE A 204 14.51 -9.41 -3.27
N ALA A 205 15.40 -9.43 -4.26
CA ALA A 205 15.05 -9.99 -5.58
C ALA A 205 14.63 -11.46 -5.50
N ARG A 206 15.22 -12.18 -4.54
CA ARG A 206 14.90 -13.60 -4.34
C ARG A 206 13.49 -13.77 -3.74
N THR A 207 13.19 -12.93 -2.76
CA THR A 207 11.90 -13.00 -2.04
C THR A 207 10.74 -12.62 -2.97
N PHE A 208 10.98 -11.72 -3.92
CA PHE A 208 9.94 -11.20 -4.81
C PHE A 208 9.97 -11.76 -6.23
N GLY A 209 10.84 -12.76 -6.44
CA GLY A 209 10.96 -13.47 -7.73
C GLY A 209 11.28 -12.55 -8.90
N ALA A 210 12.23 -11.64 -8.69
CA ALA A 210 12.71 -10.72 -9.73
C ALA A 210 14.11 -11.17 -10.21
N GLU A 211 14.41 -10.80 -11.45
CA GLU A 211 15.77 -10.96 -12.02
C GLU A 211 16.78 -10.07 -11.27
N GLN A 212 16.36 -8.82 -11.09
CA GLN A 212 17.15 -7.81 -10.38
C GLN A 212 16.19 -6.80 -9.72
N SER A 213 16.62 -6.34 -8.56
CA SER A 213 15.86 -5.35 -7.79
C SER A 213 16.74 -4.17 -7.41
N TYR A 214 16.16 -2.98 -7.49
CA TYR A 214 16.83 -1.73 -7.09
C TYR A 214 16.04 -1.13 -5.93
N ILE A 215 16.79 -0.62 -4.96
CA ILE A 215 16.17 0.07 -3.83
C ILE A 215 16.20 1.57 -4.11
N VAL A 216 15.01 2.16 -4.09
CA VAL A 216 14.84 3.59 -4.38
C VAL A 216 14.46 4.26 -3.07
N THR A 217 15.03 5.43 -2.85
CA THR A 217 14.80 6.17 -1.59
C THR A 217 14.02 7.48 -1.80
N ASN A 218 13.30 7.56 -2.91
CA ASN A 218 12.41 8.71 -3.16
C ASN A 218 11.03 8.28 -3.70
N GLY A 219 10.62 7.09 -3.24
CA GLY A 219 9.29 6.52 -3.54
C GLY A 219 9.17 6.07 -5.00
N THR A 220 8.07 5.39 -5.26
CA THR A 220 7.72 4.92 -6.62
C THR A 220 7.50 6.09 -7.58
N SER A 221 7.20 7.26 -7.04
CA SER A 221 7.14 8.50 -7.83
C SER A 221 8.41 8.71 -8.64
N THR A 222 9.54 8.36 -8.01
CA THR A 222 10.87 8.41 -8.66
C THR A 222 11.19 7.12 -9.43
N SER A 223 10.76 6.00 -8.87
CA SER A 223 10.95 4.69 -9.51
C SER A 223 10.33 4.63 -10.92
N ASN A 224 9.15 5.24 -11.05
CA ASN A 224 8.47 5.39 -12.36
C ASN A 224 9.26 6.22 -13.37
N LYS A 225 9.92 7.26 -12.88
CA LYS A 225 10.70 8.16 -13.75
C LYS A 225 12.04 7.53 -14.19
N ILE A 226 12.63 6.73 -13.32
CA ILE A 226 13.89 6.02 -13.64
C ILE A 226 13.64 5.03 -14.78
N VAL A 227 12.62 4.21 -14.59
CA VAL A 227 12.19 3.22 -15.61
C VAL A 227 11.76 3.94 -16.90
N GLY A 228 10.95 4.99 -16.70
CA GLY A 228 10.35 5.74 -17.82
C GLY A 228 11.40 6.42 -18.71
N MET A 229 12.39 7.04 -18.07
CA MET A 229 13.44 7.80 -18.79
C MET A 229 14.43 6.90 -19.52
N TYR A 230 14.81 5.80 -18.86
CA TYR A 230 15.65 4.76 -19.49
C TYR A 230 14.94 4.10 -20.68
N ALA A 231 13.60 4.07 -20.61
CA ALA A 231 12.79 3.26 -21.52
C ALA A 231 12.22 4.01 -22.73
N ALA A 232 12.05 5.32 -22.61
CA ALA A 232 11.39 6.11 -23.65
C ALA A 232 12.22 7.29 -24.18
N PRO A 233 12.92 7.03 -25.28
CA PRO A 233 13.71 8.04 -25.99
C PRO A 233 12.79 9.17 -26.48
N SER A 234 13.36 10.36 -26.63
CA SER A 234 12.62 11.50 -27.21
C SER A 234 12.18 11.18 -28.65
N GLY A 235 11.00 11.69 -29.00
CA GLY A 235 10.37 11.49 -30.31
C GLY A 235 9.74 10.11 -30.50
N SER A 236 9.69 9.31 -29.42
CA SER A 236 9.04 7.99 -29.47
C SER A 236 7.57 8.12 -29.05
N THR A 237 6.82 7.06 -29.35
CA THR A 237 5.40 6.94 -28.99
C THR A 237 5.28 5.92 -27.86
N LEU A 238 4.53 6.32 -26.84
CA LEU A 238 4.17 5.43 -25.73
C LEU A 238 2.67 5.26 -25.60
N LEU A 239 2.29 4.05 -25.20
CA LEU A 239 0.91 3.75 -24.80
C LEU A 239 0.81 3.95 -23.30
N ILE A 240 -0.12 4.80 -22.89
CA ILE A 240 -0.28 5.13 -21.46
C ILE A 240 -1.75 5.09 -21.05
N ASP A 241 -1.96 4.43 -19.92
CA ASP A 241 -3.29 4.33 -19.29
C ASP A 241 -3.75 5.75 -18.94
N ARG A 242 -4.90 6.15 -19.48
CA ARG A 242 -5.47 7.48 -19.16
C ARG A 242 -5.70 7.61 -17.64
N ASN A 243 -5.96 6.46 -17.04
CA ASN A 243 -6.00 6.31 -15.58
C ASN A 243 -4.56 6.12 -15.05
N CYS A 244 -3.83 7.21 -15.05
CA CYS A 244 -2.43 7.21 -14.59
C CYS A 244 -2.26 8.11 -13.36
N HIS A 245 -1.31 7.72 -12.53
CA HIS A 245 -0.91 8.51 -11.36
C HIS A 245 -0.27 9.82 -11.84
N LYS A 246 -0.32 10.84 -10.98
CA LYS A 246 0.22 12.18 -11.28
C LYS A 246 1.71 12.16 -11.67
N SER A 247 2.47 11.26 -11.05
CA SER A 247 3.91 11.08 -11.34
C SER A 247 4.18 10.76 -12.82
N LEU A 248 3.23 10.08 -13.46
CA LEU A 248 3.30 9.80 -14.91
C LEU A 248 2.93 11.00 -15.77
N ALA A 249 2.08 11.86 -15.21
CA ALA A 249 1.77 13.18 -15.82
C ALA A 249 3.01 14.09 -15.79
N HIS A 250 3.73 14.05 -14.67
CA HIS A 250 4.99 14.78 -14.50
C HIS A 250 6.09 14.24 -15.39
N LEU A 251 6.08 12.92 -15.57
CA LEU A 251 7.00 12.24 -16.50
C LEU A 251 6.85 12.77 -17.92
N LEU A 252 5.60 12.99 -18.33
CA LEU A 252 5.28 13.55 -19.65
C LEU A 252 5.82 14.97 -19.84
N MET A 253 5.74 15.75 -18.77
CA MET A 253 6.24 17.14 -18.75
C MET A 253 7.77 17.20 -18.83
N MET A 254 8.41 16.11 -18.42
CA MET A 254 9.87 16.01 -18.32
C MET A 254 10.50 15.28 -19.52
N ASN A 255 9.70 14.49 -20.23
CA ASN A 255 10.18 13.68 -21.35
C ASN A 255 9.44 14.05 -22.63
N ASP A 256 10.23 14.17 -23.69
CA ASP A 256 9.71 14.55 -25.01
C ASP A 256 9.19 13.33 -25.77
N VAL A 257 8.03 12.88 -25.35
CA VAL A 257 7.35 11.71 -25.94
C VAL A 257 5.94 12.09 -26.38
N VAL A 258 5.40 11.27 -27.26
CA VAL A 258 4.03 11.44 -27.79
C VAL A 258 3.11 10.35 -27.20
N PRO A 259 2.18 10.76 -26.34
CA PRO A 259 1.27 9.83 -25.68
C PRO A 259 0.10 9.42 -26.59
N VAL A 260 -0.17 8.13 -26.56
CA VAL A 260 -1.41 7.54 -27.09
C VAL A 260 -2.06 6.80 -25.92
N TRP A 261 -3.24 7.25 -25.54
CA TRP A 261 -3.87 6.77 -24.31
C TRP A 261 -4.70 5.51 -24.51
N LEU A 262 -4.41 4.52 -23.68
CA LEU A 262 -5.36 3.42 -23.43
C LEU A 262 -6.60 4.06 -22.79
N LYS A 263 -7.77 3.61 -23.24
CA LYS A 263 -9.04 4.24 -22.86
C LYS A 263 -9.86 3.28 -21.97
N PRO A 264 -9.88 3.56 -20.67
CA PRO A 264 -10.64 2.78 -19.67
C PRO A 264 -12.14 2.87 -19.99
N THR A 265 -12.90 2.05 -19.28
CA THR A 265 -14.36 2.15 -19.28
C THR A 265 -14.80 2.87 -18.00
N ARG A 266 -16.10 3.08 -17.87
CA ARG A 266 -16.69 3.75 -16.68
C ARG A 266 -18.16 3.37 -16.58
N ASN A 267 -18.66 3.37 -15.36
CA ASN A 267 -20.09 3.10 -15.13
C ASN A 267 -20.80 4.34 -14.59
N ALA A 268 -22.08 4.18 -14.27
CA ALA A 268 -22.94 5.29 -13.79
C ALA A 268 -22.46 5.91 -12.46
N LEU A 269 -21.89 5.06 -11.60
CA LEU A 269 -21.30 5.53 -10.32
C LEU A 269 -20.11 6.47 -10.53
N GLY A 270 -19.43 6.25 -11.67
CA GLY A 270 -18.22 7.00 -12.04
C GLY A 270 -16.95 6.22 -11.68
N ILE A 271 -17.14 4.94 -11.40
CA ILE A 271 -16.05 4.00 -11.11
C ILE A 271 -15.41 3.58 -12.44
N LEU A 272 -14.09 3.59 -12.42
CA LEU A 272 -13.29 3.17 -13.58
C LEU A 272 -13.30 1.64 -13.72
N GLY A 273 -13.41 1.25 -14.98
CA GLY A 273 -13.32 -0.17 -15.38
C GLY A 273 -12.02 -0.38 -16.15
N GLY A 274 -11.70 -1.66 -16.34
CA GLY A 274 -10.47 -2.04 -17.05
C GLY A 274 -10.48 -1.66 -18.52
N ILE A 275 -9.29 -1.40 -19.02
CA ILE A 275 -8.99 -1.32 -20.45
C ILE A 275 -9.46 -2.63 -21.11
N PRO A 276 -10.51 -2.57 -21.93
CA PRO A 276 -11.06 -3.76 -22.62
C PRO A 276 -9.97 -4.44 -23.46
N ARG A 277 -10.20 -5.72 -23.72
CA ARG A 277 -9.28 -6.57 -24.51
C ARG A 277 -8.95 -6.00 -25.89
N ARG A 278 -9.88 -5.30 -26.49
CA ARG A 278 -9.64 -4.73 -27.84
C ARG A 278 -8.48 -3.72 -27.87
N GLU A 279 -8.26 -3.05 -26.75
CA GLU A 279 -7.16 -2.08 -26.61
C GLU A 279 -5.76 -2.67 -26.80
N PHE A 280 -5.65 -3.98 -26.58
CA PHE A 280 -4.35 -4.66 -26.67
C PHE A 280 -4.10 -5.31 -28.04
N THR A 281 -5.17 -5.45 -28.82
CA THR A 281 -5.11 -6.09 -30.15
C THR A 281 -4.42 -5.15 -31.16
N ARG A 282 -3.72 -5.77 -32.09
CA ARG A 282 -2.96 -5.07 -33.13
C ARG A 282 -3.83 -4.14 -33.99
N ASP A 283 -5.08 -4.55 -34.21
CA ASP A 283 -6.00 -3.77 -35.04
C ASP A 283 -6.30 -2.40 -34.42
N SER A 284 -6.52 -2.39 -33.11
CA SER A 284 -6.84 -1.12 -32.40
C SER A 284 -5.62 -0.18 -32.37
N ILE A 285 -4.45 -0.77 -32.11
CA ILE A 285 -3.20 -0.01 -32.00
C ILE A 285 -2.77 0.52 -33.38
N GLU A 286 -2.88 -0.33 -34.39
CA GLU A 286 -2.50 0.05 -35.76
C GLU A 286 -3.24 1.30 -36.24
N GLU A 287 -4.50 1.42 -35.83
CA GLU A 287 -5.35 2.55 -36.21
C GLU A 287 -4.97 3.80 -35.41
N LYS A 288 -4.61 3.59 -34.14
CA LYS A 288 -4.16 4.68 -33.26
C LYS A 288 -2.86 5.31 -33.77
N VAL A 289 -1.98 4.48 -34.30
CA VAL A 289 -0.70 4.93 -34.90
C VAL A 289 -0.99 5.88 -36.08
N ALA A 290 -1.93 5.45 -36.92
CA ALA A 290 -2.36 6.24 -38.09
C ALA A 290 -3.01 7.57 -37.69
N ALA A 291 -3.66 7.57 -36.53
CA ALA A 291 -4.43 8.74 -36.04
C ALA A 291 -3.60 9.75 -35.23
N THR A 292 -2.37 9.37 -34.87
CA THR A 292 -1.51 10.22 -34.04
C THR A 292 -0.47 10.87 -34.94
N THR A 293 -0.41 12.20 -34.86
CA THR A 293 0.54 12.99 -35.66
C THR A 293 1.96 12.52 -35.32
N GLN A 294 2.70 12.17 -36.37
CA GLN A 294 4.11 11.75 -36.28
C GLN A 294 4.35 10.41 -35.59
N ALA A 295 3.29 9.81 -35.03
CA ALA A 295 3.41 8.52 -34.33
C ALA A 295 4.04 7.43 -35.19
N GLN A 296 4.86 6.62 -34.51
CA GLN A 296 5.38 5.35 -35.04
C GLN A 296 4.88 4.23 -34.12
N TRP A 297 5.29 2.99 -34.38
CA TRP A 297 4.89 1.87 -33.52
C TRP A 297 5.45 2.08 -32.10
N PRO A 298 4.59 1.94 -31.09
CA PRO A 298 4.94 2.17 -29.68
C PRO A 298 6.15 1.32 -29.30
N VAL A 299 7.05 1.94 -28.57
CA VAL A 299 8.29 1.30 -28.09
C VAL A 299 8.18 0.86 -26.61
N HIS A 300 7.17 1.43 -25.94
CA HIS A 300 6.96 1.21 -24.51
C HIS A 300 5.49 1.49 -24.16
N ALA A 301 4.99 0.61 -23.31
CA ALA A 301 3.59 0.66 -22.84
C ALA A 301 3.54 0.57 -21.32
N VAL A 302 2.62 1.32 -20.74
CA VAL A 302 2.43 1.36 -19.27
C VAL A 302 0.97 1.02 -18.94
N ILE A 303 0.83 -0.01 -18.12
CA ILE A 303 -0.48 -0.54 -17.69
C ILE A 303 -0.53 -0.55 -16.16
N THR A 304 -1.60 0.00 -15.62
CA THR A 304 -1.85 -0.02 -14.16
C THR A 304 -2.58 -1.32 -13.78
N ASN A 305 -1.81 -2.22 -13.18
CA ASN A 305 -2.32 -3.50 -12.69
C ASN A 305 -2.01 -3.67 -11.20
N SER A 306 -3.02 -3.85 -10.37
CA SER A 306 -4.45 -3.79 -10.74
C SER A 306 -4.91 -2.33 -10.84
N THR A 307 -6.20 -2.16 -11.11
CA THR A 307 -6.86 -0.85 -10.93
C THR A 307 -6.95 -0.57 -9.43
N TYR A 308 -7.16 0.69 -9.08
CA TYR A 308 -7.29 1.12 -7.68
C TYR A 308 -8.40 0.33 -6.94
N ASP A 309 -9.49 0.09 -7.66
CA ASP A 309 -10.67 -0.60 -7.13
C ASP A 309 -10.56 -2.14 -7.16
N GLY A 310 -9.34 -2.63 -7.43
CA GLY A 310 -8.98 -4.05 -7.34
C GLY A 310 -9.33 -4.95 -8.53
N LEU A 311 -9.39 -4.37 -9.73
CA LEU A 311 -9.51 -5.18 -10.95
C LEU A 311 -8.14 -5.61 -11.48
N LEU A 312 -7.92 -6.92 -11.45
CA LEU A 312 -6.68 -7.55 -11.92
C LEU A 312 -6.83 -8.04 -13.38
N TYR A 313 -5.72 -7.98 -14.09
CA TYR A 313 -5.64 -8.46 -15.48
C TYR A 313 -5.08 -9.88 -15.55
N ASN A 314 -5.50 -10.58 -16.60
CA ASN A 314 -4.82 -11.80 -17.06
C ASN A 314 -3.50 -11.35 -17.71
N THR A 315 -2.46 -11.33 -16.90
CA THR A 315 -1.13 -10.87 -17.34
C THR A 315 -0.48 -11.80 -18.37
N ASP A 316 -0.82 -13.09 -18.31
CA ASP A 316 -0.41 -14.05 -19.35
C ASP A 316 -0.97 -13.67 -20.71
N TRP A 317 -2.21 -13.19 -20.70
CA TRP A 317 -2.91 -12.70 -21.89
C TRP A 317 -2.18 -11.49 -22.48
N ILE A 318 -1.85 -10.52 -21.61
CA ILE A 318 -1.20 -9.26 -22.04
C ILE A 318 0.21 -9.53 -22.58
N LYS A 319 1.02 -10.24 -21.79
CA LYS A 319 2.40 -10.56 -22.19
C LYS A 319 2.46 -11.29 -23.52
N GLN A 320 1.51 -12.21 -23.74
CA GLN A 320 1.45 -13.00 -24.98
C GLN A 320 0.88 -12.20 -26.17
N THR A 321 -0.01 -11.26 -25.88
CA THR A 321 -0.85 -10.62 -26.91
C THR A 321 -0.28 -9.28 -27.36
N LEU A 322 0.13 -8.47 -26.39
CA LEU A 322 0.59 -7.10 -26.66
C LEU A 322 1.92 -7.10 -27.44
N ASP A 323 1.84 -6.60 -28.67
CA ASP A 323 2.99 -6.56 -29.59
C ASP A 323 3.89 -5.34 -29.40
N VAL A 324 4.32 -5.15 -28.16
CA VAL A 324 5.20 -4.04 -27.79
C VAL A 324 6.43 -4.63 -27.08
N PRO A 325 7.63 -4.18 -27.46
CA PRO A 325 8.91 -4.70 -26.94
C PRO A 325 9.14 -4.40 -25.44
N SER A 326 8.51 -3.35 -24.93
CA SER A 326 8.70 -2.90 -23.53
C SER A 326 7.34 -2.70 -22.85
N ILE A 327 7.09 -3.50 -21.83
CA ILE A 327 5.81 -3.47 -21.09
C ILE A 327 6.10 -3.25 -19.60
N HIS A 328 5.53 -2.17 -19.09
CA HIS A 328 5.71 -1.74 -17.70
C HIS A 328 4.38 -1.79 -16.94
N PHE A 329 4.33 -2.73 -16.00
CA PHE A 329 3.19 -2.84 -15.07
C PHE A 329 3.47 -2.03 -13.80
N ASP A 330 2.81 -0.87 -13.72
CA ASP A 330 2.83 -0.08 -12.48
C ASP A 330 1.99 -0.84 -11.45
N SER A 331 2.68 -1.68 -10.68
CA SER A 331 2.06 -2.62 -9.74
C SER A 331 2.17 -2.13 -8.30
N ALA A 332 2.03 -0.80 -8.15
CA ALA A 332 2.14 -0.14 -6.85
C ALA A 332 1.06 -0.65 -5.89
N TRP A 333 -0.05 -1.08 -6.37
CA TRP A 333 -1.23 -1.59 -5.60
C TRP A 333 -1.18 -3.07 -5.21
N VAL A 334 -0.34 -3.84 -5.89
CA VAL A 334 -0.32 -5.32 -5.74
C VAL A 334 1.10 -5.90 -5.51
N PRO A 335 1.80 -5.49 -4.52
CA PRO A 335 3.16 -5.94 -4.13
C PRO A 335 3.11 -7.30 -3.40
N TYR A 336 1.91 -7.79 -3.09
CA TYR A 336 1.73 -9.01 -2.27
C TYR A 336 1.31 -10.25 -3.08
N THR A 337 1.24 -10.10 -4.39
CA THR A 337 0.75 -11.17 -5.28
C THR A 337 1.55 -12.47 -5.24
N HIS A 338 2.82 -12.38 -4.84
CA HIS A 338 3.69 -13.57 -4.78
C HIS A 338 3.42 -14.50 -3.58
N PHE A 339 2.43 -14.13 -2.77
CA PHE A 339 2.22 -14.78 -1.46
C PHE A 339 0.91 -15.55 -1.33
N HIS A 340 0.07 -15.43 -2.35
CA HIS A 340 -1.15 -16.24 -2.46
C HIS A 340 -1.31 -16.75 -3.90
N PRO A 341 -1.52 -18.08 -4.05
CA PRO A 341 -1.79 -18.70 -5.36
C PRO A 341 -3.01 -18.17 -6.11
N ILE A 342 -3.94 -17.51 -5.42
CA ILE A 342 -5.10 -16.89 -6.12
C ILE A 342 -4.69 -15.88 -7.19
N TYR A 343 -3.46 -15.38 -7.07
CA TYR A 343 -2.94 -14.37 -8.00
C TYR A 343 -2.12 -14.95 -9.16
N GLN A 344 -2.13 -16.27 -9.31
CA GLN A 344 -1.42 -16.92 -10.43
C GLN A 344 -1.93 -16.39 -11.78
N GLY A 345 -0.96 -16.04 -12.63
CA GLY A 345 -1.20 -15.44 -13.96
C GLY A 345 -1.93 -14.09 -13.88
N LYS A 346 -1.76 -13.40 -12.75
CA LYS A 346 -2.42 -12.09 -12.51
C LYS A 346 -1.45 -11.06 -11.93
N SER A 347 -0.17 -11.27 -12.14
CA SER A 347 0.90 -10.36 -11.70
C SER A 347 2.03 -10.33 -12.72
N GLY A 348 2.74 -9.20 -12.73
CA GLY A 348 3.80 -8.94 -13.73
C GLY A 348 4.98 -9.92 -13.67
N MET A 349 5.44 -10.20 -12.46
CA MET A 349 6.58 -11.10 -12.24
C MET A 349 6.26 -12.59 -12.42
N SER A 350 4.97 -12.94 -12.36
CA SER A 350 4.55 -14.35 -12.46
C SER A 350 4.99 -14.98 -13.80
N GLY A 351 5.45 -16.22 -13.73
CA GLY A 351 5.90 -16.95 -14.94
C GLY A 351 7.37 -16.64 -15.26
N GLU A 352 7.73 -16.81 -16.52
CA GLU A 352 9.11 -16.59 -16.99
C GLU A 352 9.22 -15.32 -17.85
N ARG A 353 10.41 -15.14 -18.41
CA ARG A 353 10.68 -14.09 -19.40
C ARG A 353 9.80 -14.23 -20.65
N VAL A 354 9.71 -13.08 -21.31
CA VAL A 354 9.05 -12.97 -22.62
C VAL A 354 10.18 -12.59 -23.59
N ALA A 355 10.51 -13.53 -24.47
CA ALA A 355 11.59 -13.33 -25.46
C ALA A 355 11.39 -12.03 -26.25
N GLY A 356 12.48 -11.25 -26.27
CA GLY A 356 12.53 -9.94 -26.95
C GLY A 356 11.73 -8.82 -26.28
N LYS A 357 11.36 -9.03 -25.02
CA LYS A 357 10.64 -8.02 -24.22
C LYS A 357 11.29 -7.89 -22.85
N VAL A 358 11.21 -6.68 -22.33
CA VAL A 358 11.56 -6.42 -20.94
C VAL A 358 10.29 -5.99 -20.17
N ILE A 359 10.11 -6.62 -19.01
CA ILE A 359 8.89 -6.44 -18.19
C ILE A 359 9.27 -5.94 -16.79
N PHE A 360 8.57 -4.86 -16.40
CA PHE A 360 8.85 -4.18 -15.12
C PHE A 360 7.62 -4.13 -14.24
N GLU A 361 7.90 -4.27 -12.96
CA GLU A 361 6.97 -3.85 -11.91
C GLU A 361 7.66 -2.76 -11.09
N THR A 362 6.90 -1.71 -10.85
CA THR A 362 7.30 -0.69 -9.84
C THR A 362 6.25 -0.74 -8.74
N GLN A 363 6.73 -0.80 -7.51
CA GLN A 363 5.85 -1.04 -6.35
C GLN A 363 6.17 -0.02 -5.26
N SER A 364 5.11 0.53 -4.70
CA SER A 364 5.27 1.44 -3.54
C SER A 364 5.23 0.56 -2.30
N THR A 365 6.38 0.13 -1.82
CA THR A 365 6.47 -0.82 -0.69
C THR A 365 5.69 -0.31 0.53
N HIS A 366 5.77 1.00 0.75
CA HIS A 366 5.07 1.68 1.84
C HIS A 366 3.57 1.74 1.56
N LYS A 367 2.77 1.39 2.58
CA LYS A 367 1.29 1.43 2.53
C LYS A 367 0.67 0.55 1.42
N MET A 368 1.40 -0.52 1.18
CA MET A 368 1.05 -1.58 0.24
C MET A 368 1.53 -2.91 0.82
N LEU A 369 2.54 -2.73 1.67
CA LEU A 369 3.11 -3.62 2.66
C LEU A 369 3.47 -2.71 3.84
N ALA A 370 4.54 -3.03 4.54
CA ALA A 370 5.04 -2.18 5.63
C ALA A 370 6.49 -1.74 5.39
N ALA A 371 6.64 -0.44 5.18
CA ALA A 371 7.96 0.18 4.93
C ALA A 371 7.85 1.71 5.10
N LEU A 372 8.97 2.31 5.44
CA LEU A 372 9.07 3.77 5.61
C LEU A 372 8.68 4.50 4.33
N SER A 373 8.09 5.67 4.49
CA SER A 373 7.72 6.55 3.37
C SER A 373 8.96 6.82 2.53
N GLN A 374 8.73 6.86 1.21
CA GLN A 374 9.77 7.06 0.17
C GLN A 374 10.49 5.78 -0.25
N ALA A 375 10.33 4.71 0.54
CA ALA A 375 10.83 3.37 0.16
C ALA A 375 10.02 2.82 -1.02
N SER A 376 10.74 2.51 -2.10
CA SER A 376 10.14 2.00 -3.35
C SER A 376 11.08 0.99 -4.00
N LEU A 377 10.49 0.03 -4.71
CA LEU A 377 11.23 -0.98 -5.45
C LEU A 377 10.96 -0.93 -6.96
N ILE A 378 12.02 -1.18 -7.71
CA ILE A 378 11.92 -1.45 -9.16
C ILE A 378 12.31 -2.93 -9.32
N HIS A 379 11.40 -3.69 -9.91
CA HIS A 379 11.63 -5.10 -10.22
C HIS A 379 11.72 -5.25 -11.74
N ILE A 380 12.76 -5.91 -12.17
CA ILE A 380 13.00 -6.13 -13.60
C ILE A 380 13.01 -7.62 -13.94
N LYS A 381 12.33 -7.92 -15.03
CA LYS A 381 12.26 -9.27 -15.60
C LYS A 381 12.61 -9.17 -17.10
N GLY A 382 13.89 -9.41 -17.36
CA GLY A 382 14.45 -9.25 -18.72
C GLY A 382 15.85 -8.61 -18.64
N GLU A 383 16.32 -8.12 -19.77
CA GLU A 383 17.69 -7.60 -19.86
C GLU A 383 17.71 -6.06 -19.97
N TYR A 384 18.60 -5.48 -19.21
CA TYR A 384 18.94 -4.05 -19.31
C TYR A 384 20.45 -3.91 -19.46
N ASP A 385 20.87 -2.82 -20.10
CA ASP A 385 22.30 -2.45 -20.12
C ASP A 385 22.62 -1.91 -18.72
N GLU A 386 23.32 -2.75 -17.96
CA GLU A 386 23.55 -2.51 -16.53
C GLU A 386 24.19 -1.16 -16.20
N GLU A 387 25.23 -0.84 -16.95
CA GLU A 387 25.96 0.44 -16.77
C GLU A 387 25.11 1.65 -17.15
N ALA A 388 24.31 1.50 -18.21
CA ALA A 388 23.43 2.58 -18.70
C ALA A 388 22.24 2.80 -17.76
N PHE A 389 21.68 1.70 -17.25
CA PHE A 389 20.55 1.76 -16.32
C PHE A 389 20.98 2.40 -14.99
N ASN A 390 22.20 2.09 -14.57
CA ASN A 390 22.74 2.65 -13.32
C ASN A 390 23.01 4.16 -13.44
N GLU A 391 23.39 4.60 -14.65
CA GLU A 391 23.55 6.04 -14.93
C GLU A 391 22.23 6.79 -14.77
N ALA A 392 21.16 6.16 -15.28
CA ALA A 392 19.80 6.71 -15.16
C ALA A 392 19.33 6.76 -13.70
N PHE A 393 19.74 5.74 -12.94
CA PHE A 393 19.42 5.62 -11.51
C PHE A 393 20.16 6.69 -10.69
N MET A 394 21.45 6.84 -10.97
CA MET A 394 22.30 7.84 -10.27
C MET A 394 21.93 9.28 -10.63
N MET A 395 21.37 9.47 -11.83
CA MET A 395 20.92 10.81 -12.28
C MET A 395 19.80 11.38 -11.39
N HIS A 396 19.01 10.50 -10.81
CA HIS A 396 17.87 10.90 -9.96
C HIS A 396 18.05 10.61 -8.47
N THR A 397 19.23 10.10 -8.10
CA THR A 397 19.53 9.79 -6.69
C THR A 397 20.58 10.78 -6.18
N THR A 398 20.34 11.23 -4.96
CA THR A 398 21.26 12.14 -4.24
C THR A 398 22.57 11.41 -3.91
N THR A 399 23.61 12.21 -3.74
CA THR A 399 24.92 11.72 -3.23
C THR A 399 24.94 11.54 -1.71
N SER A 400 23.89 12.01 -1.04
CA SER A 400 23.72 11.87 0.43
C SER A 400 22.48 11.04 0.78
N PRO A 401 22.48 9.74 0.45
CA PRO A 401 21.34 8.86 0.72
C PRO A 401 21.13 8.65 2.22
N SER A 402 19.86 8.47 2.58
CA SER A 402 19.45 8.18 3.95
C SER A 402 19.60 6.67 4.19
N TYR A 403 20.54 6.31 5.05
CA TYR A 403 20.80 4.90 5.40
C TYR A 403 19.65 4.17 6.12
N PRO A 404 18.84 4.84 6.97
CA PRO A 404 17.66 4.23 7.62
C PRO A 404 16.59 3.82 6.59
N ILE A 405 16.28 4.72 5.66
CA ILE A 405 15.35 4.42 4.55
C ILE A 405 15.80 3.14 3.83
N VAL A 406 17.09 3.06 3.56
CA VAL A 406 17.67 1.86 2.90
C VAL A 406 17.47 0.65 3.80
N ALA A 407 17.68 0.76 5.06
CA ALA A 407 17.55 -0.37 6.00
C ALA A 407 16.09 -0.79 6.18
N SER A 408 15.21 0.21 6.21
CA SER A 408 13.75 -0.03 6.37
C SER A 408 13.17 -0.78 5.17
N VAL A 409 13.73 -0.53 3.99
CA VAL A 409 13.31 -1.21 2.76
C VAL A 409 13.68 -2.70 2.80
N GLU A 410 14.86 -2.97 3.37
CA GLU A 410 15.38 -4.33 3.49
C GLU A 410 14.63 -5.08 4.60
N THR A 411 14.41 -4.39 5.71
CA THR A 411 13.69 -4.93 6.87
C THR A 411 12.22 -5.19 6.53
N ALA A 412 11.68 -4.44 5.57
CA ALA A 412 10.30 -4.66 5.10
C ALA A 412 10.15 -6.05 4.47
N ALA A 413 11.21 -6.46 3.77
CA ALA A 413 11.33 -7.81 3.20
C ALA A 413 11.44 -8.88 4.29
N ALA A 414 12.17 -8.55 5.35
CA ALA A 414 12.36 -9.46 6.50
C ALA A 414 11.04 -9.82 7.17
N MET A 415 10.09 -8.88 7.14
CA MET A 415 8.74 -9.07 7.68
C MET A 415 7.93 -10.12 6.92
N LEU A 416 8.07 -10.11 5.60
CA LEU A 416 7.32 -11.00 4.70
C LEU A 416 7.92 -12.40 4.52
N ARG A 417 9.15 -12.56 4.98
CA ARG A 417 9.88 -13.83 4.89
C ARG A 417 9.29 -14.91 5.81
N GLY A 418 9.59 -16.16 5.42
CA GLY A 418 9.32 -17.37 6.21
C GLY A 418 7.83 -17.73 6.33
N ASN A 419 7.59 -18.73 7.16
CA ASN A 419 6.21 -19.21 7.48
C ASN A 419 5.33 -18.19 8.20
N PRO A 420 5.87 -17.35 9.11
CA PRO A 420 5.09 -16.30 9.78
C PRO A 420 4.53 -15.27 8.78
N GLY A 421 5.30 -15.06 7.70
CA GLY A 421 4.91 -14.16 6.60
C GLY A 421 3.67 -14.67 5.85
N LYS A 422 3.69 -15.95 5.50
CA LYS A 422 2.56 -16.60 4.81
C LYS A 422 1.32 -16.71 5.70
N ARG A 423 1.56 -16.98 6.98
CA ARG A 423 0.49 -17.09 7.98
C ARG A 423 -0.11 -15.74 8.30
N LEU A 424 0.61 -14.65 8.04
CA LEU A 424 0.05 -13.29 8.20
C LEU A 424 -1.02 -12.95 7.14
N ILE A 425 -0.67 -13.21 5.89
CA ILE A 425 -1.56 -12.89 4.76
C ILE A 425 -2.79 -13.82 4.79
N ASN A 426 -2.58 -15.08 5.13
CA ASN A 426 -3.71 -16.01 5.30
C ASN A 426 -4.68 -15.50 6.36
N ARG A 427 -4.16 -14.87 7.37
CA ARG A 427 -4.97 -14.28 8.44
C ARG A 427 -5.73 -13.03 7.98
N SER A 428 -5.06 -12.20 7.18
CA SER A 428 -5.67 -10.94 6.69
C SER A 428 -6.77 -11.22 5.66
N VAL A 429 -6.56 -12.25 4.85
CA VAL A 429 -7.54 -12.70 3.85
C VAL A 429 -8.83 -13.18 4.52
N GLU A 430 -8.65 -14.04 5.53
CA GLU A 430 -9.77 -14.61 6.30
C GLU A 430 -10.55 -13.53 7.06
N ARG A 431 -9.84 -12.51 7.53
CA ARG A 431 -10.48 -11.39 8.24
C ARG A 431 -11.21 -10.44 7.28
N ALA A 432 -10.64 -10.26 6.09
CA ALA A 432 -11.25 -9.44 5.03
C ALA A 432 -12.58 -10.04 4.58
N LEU A 433 -12.58 -11.34 4.34
CA LEU A 433 -13.78 -12.11 3.95
C LEU A 433 -14.83 -12.17 5.06
N HIS A 434 -14.32 -12.40 6.27
CA HIS A 434 -15.16 -12.42 7.48
C HIS A 434 -15.96 -11.11 7.61
N PHE A 435 -15.28 -9.99 7.41
CA PHE A 435 -15.91 -8.67 7.48
C PHE A 435 -16.98 -8.48 6.39
N ARG A 436 -16.64 -8.89 5.17
CA ARG A 436 -17.59 -8.84 4.02
C ARG A 436 -18.83 -9.68 4.31
N LYS A 437 -18.67 -10.82 4.94
CA LYS A 437 -19.81 -11.67 5.30
C LYS A 437 -20.68 -11.07 6.41
N GLU A 438 -20.04 -10.36 7.33
CA GLU A 438 -20.73 -9.69 8.44
C GLU A 438 -21.56 -8.49 7.95
N VAL A 439 -21.05 -7.81 6.93
CA VAL A 439 -21.78 -6.68 6.31
C VAL A 439 -23.05 -7.18 5.59
N GLN A 440 -22.87 -8.24 4.81
CA GLN A 440 -23.97 -8.88 4.06
C GLN A 440 -25.00 -9.50 5.01
N ARG A 441 -24.51 -10.06 6.11
CA ARG A 441 -25.37 -10.63 7.16
C ARG A 441 -26.19 -9.53 7.85
N LEU A 442 -25.55 -8.46 8.24
CA LEU A 442 -26.26 -7.38 8.94
C LEU A 442 -27.25 -6.68 8.02
N ARG A 443 -26.94 -6.66 6.74
CA ARG A 443 -27.83 -6.10 5.71
C ARG A 443 -29.12 -6.93 5.61
N GLU A 444 -28.95 -8.25 5.63
CA GLU A 444 -30.09 -9.19 5.58
C GLU A 444 -30.97 -9.13 6.85
N GLU A 445 -30.33 -8.91 8.00
CA GLU A 445 -31.00 -9.04 9.30
C GLU A 445 -31.67 -7.75 9.78
N SER A 446 -31.09 -6.62 9.39
CA SER A 446 -31.54 -5.28 9.83
C SER A 446 -32.84 -4.85 9.16
N ASP A 447 -33.57 -4.03 9.91
CA ASP A 447 -34.87 -3.49 9.49
C ASP A 447 -34.69 -2.18 8.69
N GLY A 448 -35.18 -2.19 7.46
CA GLY A 448 -35.06 -1.03 6.55
C GLY A 448 -33.65 -0.90 5.98
N TRP A 449 -33.27 0.35 5.72
CA TRP A 449 -31.99 0.67 5.05
C TRP A 449 -30.79 0.14 5.83
N PHE A 450 -29.75 -0.24 5.10
CA PHE A 450 -28.44 -0.54 5.69
C PHE A 450 -27.36 -0.35 4.62
N PHE A 451 -26.12 -0.26 5.07
CA PHE A 451 -24.97 -0.26 4.17
C PHE A 451 -24.95 -1.55 3.35
N ASP A 452 -24.41 -1.44 2.14
CA ASP A 452 -24.18 -2.61 1.29
C ASP A 452 -22.74 -2.55 0.78
N ILE A 453 -22.22 -3.70 0.38
CA ILE A 453 -20.90 -3.76 -0.26
C ILE A 453 -21.03 -4.03 -1.76
N TRP A 454 -20.25 -3.28 -2.51
CA TRP A 454 -20.20 -3.41 -3.98
C TRP A 454 -19.41 -4.66 -4.36
N GLN A 455 -20.17 -5.72 -4.60
CA GLN A 455 -19.62 -7.07 -4.82
C GLN A 455 -20.73 -8.04 -5.25
N PRO A 456 -20.36 -9.27 -5.61
CA PRO A 456 -21.34 -10.33 -5.94
C PRO A 456 -22.35 -10.49 -4.80
N PRO A 457 -23.58 -10.93 -5.14
CA PRO A 457 -24.64 -11.19 -4.16
C PRO A 457 -24.21 -12.24 -3.12
N GLN A 458 -23.37 -13.18 -3.53
CA GLN A 458 -22.76 -14.18 -2.64
C GLN A 458 -21.24 -14.19 -2.81
N VAL A 459 -20.56 -14.06 -1.68
CA VAL A 459 -19.11 -14.27 -1.58
C VAL A 459 -18.82 -15.38 -0.56
N ASP A 460 -19.55 -16.46 -0.65
CA ASP A 460 -19.24 -17.62 0.20
C ASP A 460 -18.00 -18.41 -0.27
N GLU A 461 -17.16 -17.78 -1.09
CA GLU A 461 -15.94 -18.38 -1.64
C GLU A 461 -14.74 -17.46 -1.40
N ALA A 462 -13.56 -18.07 -1.30
CA ALA A 462 -12.30 -17.35 -1.16
C ALA A 462 -11.55 -17.35 -2.50
N GLU A 463 -11.67 -16.24 -3.20
CA GLU A 463 -11.12 -16.03 -4.55
C GLU A 463 -11.23 -14.55 -4.92
N CYS A 464 -10.49 -14.15 -5.94
CA CYS A 464 -10.74 -12.87 -6.60
C CYS A 464 -11.96 -13.04 -7.50
N TRP A 465 -13.12 -12.71 -6.93
CA TRP A 465 -14.42 -12.97 -7.55
C TRP A 465 -14.50 -12.32 -8.95
N PRO A 466 -14.60 -13.15 -9.98
CA PRO A 466 -14.65 -12.68 -11.38
C PRO A 466 -15.93 -11.89 -11.65
N VAL A 467 -15.77 -10.86 -12.46
CA VAL A 467 -16.88 -10.04 -12.97
C VAL A 467 -17.53 -10.81 -14.14
N ALA A 468 -18.76 -11.23 -13.94
CA ALA A 468 -19.45 -12.03 -14.94
C ALA A 468 -20.54 -11.21 -15.66
N PRO A 469 -20.68 -11.41 -16.97
CA PRO A 469 -21.71 -10.74 -17.80
C PRO A 469 -23.15 -11.09 -17.39
N GLY A 470 -23.29 -12.23 -16.69
CA GLY A 470 -24.61 -12.71 -16.21
C GLY A 470 -24.98 -12.16 -14.83
N GLU A 471 -24.15 -11.26 -14.31
CA GLU A 471 -24.36 -10.60 -13.02
C GLU A 471 -24.47 -9.09 -13.23
N GLN A 472 -25.31 -8.47 -12.40
CA GLN A 472 -25.59 -7.03 -12.55
C GLN A 472 -24.96 -6.15 -11.46
N TRP A 473 -24.39 -6.78 -10.43
CA TRP A 473 -23.89 -6.05 -9.24
C TRP A 473 -22.87 -4.96 -9.58
N HIS A 474 -21.97 -5.24 -10.53
CA HIS A 474 -20.88 -4.32 -10.88
C HIS A 474 -21.33 -3.10 -11.71
N GLY A 475 -22.48 -3.28 -12.39
CA GLY A 475 -23.11 -2.22 -13.20
C GLY A 475 -22.38 -1.83 -14.49
N PHE A 476 -21.45 -2.68 -14.94
CA PHE A 476 -20.81 -2.50 -16.26
C PHE A 476 -21.58 -3.31 -17.30
N ASN A 477 -21.75 -2.72 -18.47
CA ASN A 477 -22.50 -3.35 -19.57
C ASN A 477 -21.59 -4.22 -20.44
N ASP A 478 -22.07 -5.43 -20.69
CA ASP A 478 -21.37 -6.44 -21.53
C ASP A 478 -19.88 -6.58 -21.15
N ALA A 479 -19.64 -6.85 -19.87
CA ALA A 479 -18.26 -7.05 -19.38
C ALA A 479 -17.64 -8.27 -20.05
N ASP A 480 -16.36 -8.16 -20.35
CA ASP A 480 -15.56 -9.30 -20.82
C ASP A 480 -15.40 -10.30 -19.65
N ALA A 481 -15.65 -11.56 -19.95
CA ALA A 481 -15.49 -12.65 -18.96
C ALA A 481 -14.05 -13.16 -18.98
N ASP A 482 -13.64 -13.76 -17.86
CA ASP A 482 -12.24 -14.25 -17.71
C ASP A 482 -11.21 -13.12 -17.94
N HIS A 483 -11.60 -11.92 -17.52
CA HIS A 483 -10.77 -10.73 -17.74
C HIS A 483 -10.46 -9.98 -16.43
N MET A 484 -11.53 -9.54 -15.72
CA MET A 484 -11.40 -8.68 -14.53
C MET A 484 -12.05 -9.34 -13.26
N PHE A 485 -11.18 -9.23 -12.19
CA PHE A 485 -11.44 -9.97 -10.93
C PHE A 485 -11.33 -8.98 -9.78
N LEU A 486 -12.12 -9.24 -8.75
CA LEU A 486 -12.15 -8.36 -7.57
C LEU A 486 -11.24 -8.88 -6.46
N ASP A 487 -10.21 -8.10 -6.20
CA ASP A 487 -9.29 -8.34 -5.08
C ASP A 487 -10.07 -8.19 -3.76
N PRO A 488 -10.12 -9.28 -2.97
CA PRO A 488 -10.86 -9.32 -1.69
C PRO A 488 -10.47 -8.20 -0.71
N VAL A 489 -9.20 -7.83 -0.68
CA VAL A 489 -8.68 -6.82 0.27
C VAL A 489 -9.16 -5.38 0.01
N LYS A 490 -9.60 -5.11 -1.21
CA LYS A 490 -10.03 -3.75 -1.59
C LYS A 490 -11.55 -3.66 -1.43
N VAL A 491 -11.95 -3.17 -0.26
CA VAL A 491 -13.36 -3.18 0.16
C VAL A 491 -13.98 -1.80 -0.09
N THR A 492 -15.05 -1.82 -0.87
CA THR A 492 -15.83 -0.60 -1.17
C THR A 492 -17.21 -0.77 -0.55
N ILE A 493 -17.56 0.19 0.28
CA ILE A 493 -18.92 0.25 0.86
C ILE A 493 -19.71 1.33 0.10
N LEU A 494 -21.02 1.12 0.06
CA LEU A 494 -21.95 2.01 -0.63
C LEU A 494 -22.97 2.51 0.36
N THR A 495 -23.39 3.74 0.13
CA THR A 495 -24.44 4.36 0.94
C THR A 495 -25.67 4.58 0.06
N PRO A 496 -26.86 4.58 0.66
CA PRO A 496 -28.14 4.75 -0.06
C PRO A 496 -28.09 6.05 -0.88
N GLY A 497 -28.74 6.03 -2.04
CA GLY A 497 -28.79 7.25 -2.89
C GLY A 497 -29.10 6.98 -4.36
N MET A 498 -28.52 5.90 -4.90
CA MET A 498 -28.72 5.57 -6.32
C MET A 498 -29.23 4.14 -6.48
N ASP A 499 -30.07 3.97 -7.49
CA ASP A 499 -30.67 2.68 -7.85
C ASP A 499 -29.62 1.70 -8.40
N GLU A 500 -30.07 0.48 -8.66
CA GLU A 500 -29.24 -0.57 -9.28
C GLU A 500 -28.86 -0.24 -10.74
N GLN A 501 -29.77 0.46 -11.42
CA GLN A 501 -29.55 0.91 -12.81
C GLN A 501 -28.41 1.95 -12.90
N GLY A 502 -28.36 2.78 -11.84
CA GLY A 502 -27.58 4.03 -11.84
C GLY A 502 -28.54 5.24 -11.94
N ASN A 503 -29.78 4.98 -11.55
CA ASN A 503 -30.89 5.94 -11.49
C ASN A 503 -30.90 6.56 -10.09
N MET A 504 -31.54 7.71 -9.97
CA MET A 504 -31.60 8.49 -8.72
C MET A 504 -32.86 8.20 -7.90
N SER A 505 -32.62 8.01 -6.62
CA SER A 505 -33.69 7.79 -5.61
C SER A 505 -34.12 9.13 -5.03
N GLU A 506 -35.34 9.16 -4.49
CA GLU A 506 -35.85 10.36 -3.79
C GLU A 506 -35.10 10.52 -2.45
N GLU A 507 -34.87 9.39 -1.79
CA GLU A 507 -34.17 9.38 -0.49
C GLU A 507 -32.71 8.97 -0.77
N GLY A 508 -31.83 9.64 -0.04
CA GLY A 508 -30.38 9.38 -0.17
C GLY A 508 -29.59 9.98 0.99
N ILE A 509 -28.51 9.29 1.29
CA ILE A 509 -27.55 9.70 2.33
C ILE A 509 -26.16 9.75 1.66
N PRO A 510 -25.75 10.94 1.19
CA PRO A 510 -24.42 11.13 0.58
C PRO A 510 -23.35 10.59 1.53
N ALA A 511 -22.37 9.91 0.95
CA ALA A 511 -21.27 9.28 1.72
C ALA A 511 -20.41 10.30 2.50
N ALA A 512 -20.40 11.53 2.02
CA ALA A 512 -19.65 12.64 2.66
C ALA A 512 -20.09 12.88 4.11
N LEU A 513 -21.38 12.66 4.38
CA LEU A 513 -21.94 12.77 5.74
C LEU A 513 -21.39 11.71 6.69
N VAL A 514 -21.35 10.49 6.18
CA VAL A 514 -20.80 9.34 6.93
C VAL A 514 -19.29 9.53 7.18
N ALA A 515 -18.62 10.11 6.20
CA ALA A 515 -17.17 10.37 6.28
C ALA A 515 -16.84 11.36 7.42
N LYS A 516 -17.72 12.34 7.61
CA LYS A 516 -17.57 13.32 8.70
C LYS A 516 -17.86 12.69 10.07
N PHE A 517 -18.86 11.81 10.10
CA PHE A 517 -19.17 11.03 11.30
C PHE A 517 -18.00 10.14 11.71
N LEU A 518 -17.36 9.54 10.71
CA LEU A 518 -16.21 8.65 10.94
C LEU A 518 -14.98 9.37 11.47
N ASP A 519 -14.85 10.64 11.08
CA ASP A 519 -13.73 11.47 11.54
C ASP A 519 -13.87 11.86 13.01
N GLU A 520 -15.12 12.07 13.44
CA GLU A 520 -15.46 12.24 14.87
C GLU A 520 -14.96 11.06 15.72
N ARG A 521 -14.81 9.92 15.07
CA ARG A 521 -14.34 8.67 15.74
C ARG A 521 -12.91 8.29 15.33
N GLY A 522 -12.23 9.24 14.67
CA GLY A 522 -10.83 9.08 14.24
C GLY A 522 -10.59 7.93 13.25
N ILE A 523 -11.52 7.75 12.32
CA ILE A 523 -11.39 6.75 11.24
C ILE A 523 -11.07 7.49 9.94
N VAL A 524 -9.97 7.08 9.34
CA VAL A 524 -9.52 7.63 8.05
C VAL A 524 -10.26 6.92 6.92
N VAL A 525 -10.63 7.72 5.93
CA VAL A 525 -11.20 7.21 4.67
C VAL A 525 -10.17 7.50 3.56
N GLU A 526 -9.75 6.44 2.90
CA GLU A 526 -8.73 6.51 1.84
C GLU A 526 -9.23 7.27 0.60
N LYS A 527 -10.44 6.92 0.19
CA LYS A 527 -11.06 7.48 -1.02
C LYS A 527 -12.58 7.47 -0.87
N THR A 528 -13.17 8.58 -1.27
CA THR A 528 -14.62 8.75 -1.24
C THR A 528 -15.13 9.28 -2.59
N GLY A 529 -16.31 8.79 -2.93
CA GLY A 529 -17.06 9.35 -4.06
C GLY A 529 -18.42 9.86 -3.53
N PRO A 530 -19.34 10.21 -4.44
CA PRO A 530 -20.68 10.69 -4.06
C PRO A 530 -21.40 9.72 -3.09
N TYR A 531 -21.31 8.42 -3.37
CA TYR A 531 -21.98 7.41 -2.55
C TYR A 531 -21.12 6.17 -2.22
N ASN A 532 -19.81 6.35 -2.18
CA ASN A 532 -18.89 5.25 -1.87
C ASN A 532 -17.71 5.70 -1.02
N LEU A 533 -17.20 4.73 -0.27
CA LEU A 533 -16.03 4.90 0.62
C LEU A 533 -15.12 3.68 0.44
N LEU A 534 -13.82 3.92 0.49
CA LEU A 534 -12.84 2.85 0.33
C LEU A 534 -12.04 2.67 1.61
N PHE A 535 -11.90 1.41 2.00
CA PHE A 535 -11.10 1.01 3.16
C PHE A 535 -10.10 -0.07 2.75
N LEU A 536 -8.91 0.04 3.31
CA LEU A 536 -7.81 -0.90 3.00
C LEU A 536 -7.53 -1.77 4.22
N PHE A 537 -7.84 -3.04 4.08
CA PHE A 537 -7.60 -4.03 5.16
C PHE A 537 -6.17 -4.57 5.13
N SER A 538 -5.26 -3.74 5.64
CA SER A 538 -3.82 -4.06 5.67
C SER A 538 -3.53 -5.16 6.71
N ILE A 539 -2.25 -5.47 6.84
CA ILE A 539 -1.77 -6.44 7.84
C ILE A 539 -1.85 -5.88 9.28
N GLY A 540 -1.70 -4.56 9.37
CA GLY A 540 -1.90 -3.79 10.63
C GLY A 540 -3.35 -3.83 11.16
N ILE A 541 -4.31 -4.12 10.28
CA ILE A 541 -5.74 -4.14 10.67
C ILE A 541 -6.04 -5.43 11.44
N ASP A 542 -6.45 -5.26 12.69
CA ASP A 542 -6.83 -6.42 13.52
C ASP A 542 -8.35 -6.51 13.67
N LYS A 543 -8.80 -7.48 14.46
CA LYS A 543 -10.24 -7.73 14.68
C LYS A 543 -10.91 -6.58 15.47
N THR A 544 -10.13 -5.93 16.31
CA THR A 544 -10.55 -4.76 17.11
C THR A 544 -10.93 -3.57 16.22
N LYS A 545 -10.11 -3.31 15.21
CA LYS A 545 -10.34 -2.19 14.27
C LYS A 545 -11.53 -2.47 13.35
N ALA A 546 -11.68 -3.74 12.97
CA ALA A 546 -12.81 -4.20 12.15
C ALA A 546 -14.14 -4.07 12.90
N MET A 547 -14.12 -4.43 14.18
CA MET A 547 -15.29 -4.33 15.07
C MET A 547 -15.64 -2.88 15.40
N GLY A 548 -14.57 -2.08 15.59
CA GLY A 548 -14.69 -0.63 15.86
C GLY A 548 -15.39 0.10 14.71
N LEU A 549 -14.98 -0.25 13.49
CA LEU A 549 -15.59 0.30 12.27
C LEU A 549 -17.03 -0.22 12.07
N LEU A 550 -17.21 -1.50 12.36
CA LEU A 550 -18.52 -2.16 12.21
C LEU A 550 -19.55 -1.59 13.20
N ARG A 551 -19.11 -1.47 14.45
CA ARG A 551 -19.92 -0.88 15.51
C ARG A 551 -20.16 0.62 15.29
N GLY A 552 -19.12 1.29 14.77
CA GLY A 552 -19.16 2.73 14.46
C GLY A 552 -20.24 3.02 13.41
N LEU A 553 -20.37 2.07 12.48
CA LEU A 553 -21.37 2.17 11.40
C LEU A 553 -22.82 1.97 11.89
N THR A 554 -22.99 1.06 12.83
CA THR A 554 -24.32 0.83 13.44
C THR A 554 -24.72 1.99 14.37
N GLU A 555 -23.71 2.58 15.02
CA GLU A 555 -23.90 3.77 15.85
C GLU A 555 -24.30 5.00 15.03
N PHE A 556 -23.80 5.10 13.79
CA PHE A 556 -24.17 6.20 12.90
C PHE A 556 -25.66 6.12 12.55
N LYS A 557 -26.12 4.91 12.23
CA LYS A 557 -27.54 4.69 11.92
C LYS A 557 -28.42 4.97 13.14
N ARG A 558 -27.93 4.55 14.31
CA ARG A 558 -28.66 4.72 15.57
C ARG A 558 -28.92 6.22 15.85
N SER A 559 -27.84 6.98 15.79
CA SER A 559 -27.88 8.44 16.01
C SER A 559 -28.62 9.18 14.89
N TYR A 560 -28.49 8.66 13.67
CA TYR A 560 -29.14 9.24 12.48
C TYR A 560 -30.67 9.17 12.61
N ASP A 561 -31.15 8.01 13.05
CA ASP A 561 -32.59 7.77 13.24
C ASP A 561 -33.19 8.56 14.39
N LEU A 562 -32.34 8.96 15.34
CA LEU A 562 -32.73 9.85 16.43
C LEU A 562 -32.98 11.29 15.96
N ASN A 563 -32.39 11.61 14.81
CA ASN A 563 -32.44 12.94 14.18
C ASN A 563 -31.88 14.02 15.12
N LEU A 564 -30.72 13.73 15.67
CA LEU A 564 -30.00 14.68 16.53
C LEU A 564 -29.60 15.93 15.76
N ARG A 565 -29.53 17.02 16.49
CA ARG A 565 -29.00 18.30 15.98
C ARG A 565 -27.56 18.05 15.56
N ILE A 566 -27.17 18.65 14.45
CA ILE A 566 -25.77 18.58 14.00
C ILE A 566 -24.83 19.11 15.11
N LYS A 567 -25.35 20.08 15.88
CA LYS A 567 -24.65 20.72 17.00
C LYS A 567 -24.27 19.68 18.07
N ASN A 568 -25.08 18.63 18.15
CA ASN A 568 -24.87 17.58 19.17
C ASN A 568 -24.14 16.36 18.61
N MET A 569 -24.52 15.94 17.40
CA MET A 569 -23.95 14.75 16.75
C MET A 569 -22.57 15.03 16.11
N LEU A 570 -22.45 16.17 15.44
CA LEU A 570 -21.20 16.59 14.78
C LEU A 570 -20.75 17.97 15.31
N PRO A 571 -20.31 18.01 16.59
CA PRO A 571 -19.90 19.27 17.23
C PRO A 571 -18.72 19.97 16.55
N ASP A 572 -17.76 19.20 16.01
CA ASP A 572 -16.62 19.77 15.27
C ASP A 572 -17.03 20.42 13.94
N LEU A 573 -18.08 19.88 13.33
CA LEU A 573 -18.66 20.48 12.11
C LEU A 573 -19.39 21.78 12.43
N TYR A 574 -20.20 21.74 13.48
CA TYR A 574 -20.95 22.89 13.98
C TYR A 574 -20.03 24.07 14.31
N ALA A 575 -18.91 23.76 14.96
CA ALA A 575 -17.90 24.77 15.34
C ALA A 575 -17.31 25.50 14.13
N GLU A 576 -17.32 24.85 12.98
CA GLU A 576 -16.81 25.45 11.73
C GLU A 576 -17.63 26.66 11.26
N ASP A 577 -18.92 26.65 11.59
CA ASP A 577 -19.83 27.75 11.26
C ASP A 577 -21.11 27.57 12.08
N PRO A 578 -21.09 28.06 13.32
CA PRO A 578 -22.21 27.91 14.28
C PRO A 578 -23.51 28.47 13.73
N ASP A 579 -23.43 29.61 13.05
CA ASP A 579 -24.62 30.29 12.50
C ASP A 579 -25.28 29.46 11.39
N PHE A 580 -24.46 28.88 10.51
CA PHE A 580 -24.97 28.05 9.40
C PHE A 580 -25.63 26.76 9.92
N TYR A 581 -25.06 26.26 11.00
CA TYR A 581 -25.41 24.95 11.54
C TYR A 581 -26.19 25.00 12.88
N ARG A 582 -26.71 26.16 13.20
CA ARG A 582 -27.37 26.36 14.51
C ARG A 582 -28.57 25.43 14.75
N ASN A 583 -29.51 25.45 13.82
CA ASN A 583 -30.77 24.69 14.00
C ASN A 583 -30.89 23.44 13.13
N MET A 584 -29.85 23.14 12.36
CA MET A 584 -29.90 21.98 11.45
C MET A 584 -29.77 20.67 12.22
N ARG A 585 -30.63 19.73 11.86
CA ARG A 585 -30.61 18.37 12.41
C ARG A 585 -30.04 17.39 11.38
N ILE A 586 -29.49 16.29 11.88
CA ILE A 586 -28.75 15.32 11.06
C ILE A 586 -29.50 14.85 9.79
N GLN A 587 -30.79 14.60 9.94
CA GLN A 587 -31.59 14.11 8.81
C GLN A 587 -31.82 15.20 7.76
N ASP A 588 -31.92 16.44 8.21
CA ASP A 588 -32.04 17.61 7.30
C ASP A 588 -30.74 17.85 6.52
N LEU A 589 -29.62 17.67 7.22
CA LEU A 589 -28.28 17.81 6.61
C LEU A 589 -28.11 16.83 5.43
N ALA A 590 -28.49 15.59 5.68
CA ALA A 590 -28.45 14.51 4.65
C ALA A 590 -29.38 14.78 3.48
N GLN A 591 -30.59 15.23 3.81
CA GLN A 591 -31.62 15.55 2.81
C GLN A 591 -31.24 16.78 1.97
N GLY A 592 -30.66 17.78 2.66
CA GLY A 592 -30.25 19.05 2.04
C GLY A 592 -29.14 18.87 1.00
N ILE A 593 -28.13 18.07 1.36
CA ILE A 593 -26.99 17.82 0.47
C ILE A 593 -27.40 16.92 -0.70
N HIS A 594 -28.24 15.92 -0.41
CA HIS A 594 -28.80 15.03 -1.45
C HIS A 594 -29.63 15.83 -2.47
N LYS A 595 -30.35 16.82 -1.95
CA LYS A 595 -31.16 17.71 -2.79
C LYS A 595 -30.35 18.56 -3.78
N LEU A 596 -29.16 18.96 -3.35
CA LEU A 596 -28.23 19.67 -4.23
C LEU A 596 -27.72 18.78 -5.37
N ILE A 597 -27.45 17.54 -5.03
CA ILE A 597 -27.01 16.52 -6.02
C ILE A 597 -28.14 16.22 -7.02
N ARG A 598 -29.36 16.12 -6.48
CA ARG A 598 -30.56 15.88 -7.30
C ARG A 598 -30.82 17.04 -8.27
N LYS A 599 -30.79 18.25 -7.74
CA LYS A 599 -31.06 19.47 -8.51
C LYS A 599 -30.00 19.71 -9.60
N HIS A 600 -28.74 19.58 -9.19
CA HIS A 600 -27.61 19.75 -10.11
C HIS A 600 -27.38 18.55 -11.03
N ASP A 601 -28.10 17.45 -10.79
CA ASP A 601 -27.98 16.21 -11.59
C ASP A 601 -26.49 15.83 -11.72
N LEU A 602 -25.81 15.85 -10.58
CA LEU A 602 -24.36 15.60 -10.55
C LEU A 602 -23.95 14.32 -11.31
N PRO A 603 -24.59 13.17 -11.03
CA PRO A 603 -24.24 11.88 -11.66
C PRO A 603 -24.28 11.93 -13.19
N GLY A 604 -25.32 12.63 -13.70
CA GLY A 604 -25.52 12.79 -15.15
C GLY A 604 -24.45 13.68 -15.79
N LEU A 605 -24.15 14.78 -15.11
CA LEU A 605 -23.11 15.72 -15.55
C LEU A 605 -21.70 15.10 -15.55
N MET A 606 -21.47 14.26 -14.56
CA MET A 606 -20.17 13.61 -14.38
C MET A 606 -19.92 12.58 -15.47
N LEU A 607 -21.00 11.89 -15.87
CA LEU A 607 -20.93 10.91 -16.97
C LEU A 607 -20.63 11.59 -18.31
N ARG A 608 -21.32 12.70 -18.55
CA ARG A 608 -21.20 13.41 -19.83
C ARG A 608 -19.87 14.17 -19.98
N ALA A 609 -19.31 14.62 -18.85
CA ALA A 609 -18.04 15.36 -18.82
C ALA A 609 -16.85 14.52 -19.29
N PHE A 610 -16.90 13.23 -18.97
CA PHE A 610 -15.83 12.29 -19.32
C PHE A 610 -16.08 11.52 -20.63
N ASP A 611 -17.22 11.77 -21.26
CA ASP A 611 -17.58 11.07 -22.51
C ASP A 611 -16.83 11.56 -23.76
N THR A 612 -16.51 12.86 -23.78
CA THR A 612 -15.77 13.44 -24.92
C THR A 612 -14.49 14.08 -24.41
N LEU A 613 -13.39 13.71 -25.07
CA LEU A 613 -12.06 14.21 -24.69
C LEU A 613 -11.80 15.65 -25.18
N PRO A 614 -11.09 16.42 -24.36
CA PRO A 614 -10.50 17.71 -24.77
C PRO A 614 -9.57 17.42 -25.95
N GLU A 615 -9.39 18.42 -26.82
CA GLU A 615 -8.53 18.24 -27.99
C GLU A 615 -7.06 18.53 -27.65
N MET A 616 -6.19 17.63 -28.07
CA MET A 616 -4.73 17.82 -27.90
C MET A 616 -4.19 18.70 -29.04
N ILE A 617 -4.04 19.97 -28.73
CA ILE A 617 -3.48 20.91 -29.72
C ILE A 617 -1.99 20.64 -29.94
N MET A 618 -1.27 20.58 -28.82
CA MET A 618 0.14 20.22 -28.78
C MET A 618 0.40 19.32 -27.57
N THR A 619 1.51 18.60 -27.63
CA THR A 619 1.92 17.73 -26.53
C THR A 619 2.16 18.55 -25.26
N PRO A 620 2.01 17.93 -24.08
CA PRO A 620 2.34 18.56 -22.79
C PRO A 620 3.78 19.09 -22.77
N HIS A 621 4.66 18.39 -23.47
CA HIS A 621 6.08 18.80 -23.61
C HIS A 621 6.19 20.09 -24.43
N GLN A 622 5.49 20.14 -25.57
CA GLN A 622 5.54 21.31 -26.46
C GLN A 622 4.98 22.56 -25.76
N ALA A 623 3.91 22.35 -24.99
CA ALA A 623 3.27 23.42 -24.22
C ALA A 623 4.14 23.91 -23.05
N TRP A 624 4.90 22.98 -22.48
CA TRP A 624 5.81 23.30 -21.37
C TRP A 624 7.01 24.15 -21.83
N GLN A 625 7.40 23.97 -23.09
CA GLN A 625 8.45 24.80 -23.71
C GLN A 625 8.06 26.27 -23.74
N ARG A 626 6.78 26.50 -24.02
CA ARG A 626 6.23 27.88 -24.00
C ARG A 626 6.17 28.44 -22.57
N GLN A 627 5.87 27.54 -21.62
CA GLN A 627 5.81 27.90 -20.19
C GLN A 627 7.18 28.20 -19.61
N ILE A 628 8.20 27.50 -20.12
CA ILE A 628 9.59 27.72 -19.68
C ILE A 628 10.05 29.17 -19.99
N LYS A 629 9.48 29.74 -21.06
CA LYS A 629 9.75 31.14 -21.43
C LYS A 629 8.79 32.13 -20.74
N GLY A 630 8.02 31.61 -19.77
CA GLY A 630 7.05 32.39 -18.99
C GLY A 630 5.95 33.00 -19.87
N GLU A 631 5.52 32.25 -20.87
CA GLU A 631 4.47 32.71 -21.82
C GLU A 631 3.07 32.20 -21.43
N VAL A 632 2.81 32.21 -20.13
CA VAL A 632 1.49 31.80 -19.59
C VAL A 632 0.87 33.01 -18.88
N GLU A 633 -0.44 32.90 -18.73
CA GLU A 633 -1.26 33.85 -17.97
C GLU A 633 -2.42 33.10 -17.31
N THR A 634 -2.99 33.73 -16.31
CA THR A 634 -4.13 33.15 -15.58
C THR A 634 -5.44 33.74 -16.13
N ILE A 635 -6.36 32.83 -16.39
CA ILE A 635 -7.73 33.16 -16.79
C ILE A 635 -8.70 32.51 -15.80
N ALA A 636 -9.88 33.11 -15.67
CA ALA A 636 -10.97 32.47 -14.93
C ALA A 636 -11.34 31.14 -15.61
N LEU A 637 -11.74 30.18 -14.79
CA LEU A 637 -12.17 28.85 -15.26
C LEU A 637 -13.24 28.95 -16.36
N GLU A 638 -14.15 29.91 -16.15
CA GLU A 638 -15.25 30.22 -17.09
C GLU A 638 -14.78 30.63 -18.50
N GLN A 639 -13.56 31.14 -18.58
CA GLN A 639 -13.01 31.64 -19.86
C GLN A 639 -11.92 30.73 -20.45
N LEU A 640 -11.96 29.45 -20.11
CA LEU A 640 -10.94 28.50 -20.59
C LEU A 640 -11.15 27.94 -22.00
N VAL A 641 -12.39 27.89 -22.45
CA VAL A 641 -12.68 27.38 -23.81
C VAL A 641 -11.85 28.18 -24.84
N GLY A 642 -11.36 27.42 -25.83
CA GLY A 642 -10.54 27.99 -26.92
C GLY A 642 -9.14 28.44 -26.47
N ARG A 643 -8.75 28.08 -25.25
CA ARG A 643 -7.41 28.36 -24.73
C ARG A 643 -6.66 27.05 -24.52
N VAL A 644 -5.35 27.15 -24.62
CA VAL A 644 -4.46 26.01 -24.38
C VAL A 644 -4.09 25.93 -22.91
N SER A 645 -4.61 24.90 -22.31
CA SER A 645 -4.27 24.69 -20.89
C SER A 645 -2.80 24.37 -20.69
N ALA A 646 -2.34 24.85 -19.57
CA ALA A 646 -0.93 24.77 -19.20
C ALA A 646 -0.71 23.72 -18.08
N ASN A 647 -1.72 23.55 -17.26
CA ASN A 647 -1.68 22.57 -16.15
C ASN A 647 -2.66 21.43 -16.40
N MET A 648 -2.42 20.32 -15.74
CA MET A 648 -3.44 19.27 -15.65
C MET A 648 -4.53 19.75 -14.68
N ILE A 649 -5.76 19.36 -14.98
CA ILE A 649 -6.90 19.67 -14.12
C ILE A 649 -7.46 18.32 -13.63
N LEU A 650 -7.36 18.17 -12.32
CA LEU A 650 -7.71 16.93 -11.62
C LEU A 650 -8.79 17.19 -10.56
N PRO A 651 -10.06 16.99 -10.94
CA PRO A 651 -11.21 17.24 -10.07
C PRO A 651 -11.51 16.05 -9.16
N TYR A 652 -11.97 16.36 -7.96
CA TYR A 652 -12.48 15.37 -6.98
C TYR A 652 -13.91 15.78 -6.58
N PRO A 653 -14.91 14.97 -6.97
CA PRO A 653 -14.78 13.73 -7.77
C PRO A 653 -14.49 14.04 -9.25
N PRO A 654 -14.17 13.01 -10.04
CA PRO A 654 -14.05 11.59 -9.63
C PRO A 654 -12.60 11.14 -9.38
N GLY A 655 -11.70 12.11 -9.25
CA GLY A 655 -10.28 11.87 -8.97
C GLY A 655 -9.47 11.25 -10.11
N VAL A 656 -9.90 11.51 -11.35
CA VAL A 656 -9.14 11.12 -12.55
C VAL A 656 -8.96 12.34 -13.48
N PRO A 657 -7.82 12.43 -14.19
CA PRO A 657 -7.49 13.60 -15.04
C PRO A 657 -8.64 13.90 -16.00
N LEU A 658 -8.91 15.18 -16.13
CA LEU A 658 -9.98 15.66 -17.03
C LEU A 658 -9.39 16.42 -18.22
N LEU A 659 -8.40 17.23 -17.93
CA LEU A 659 -7.67 17.95 -18.96
C LEU A 659 -6.17 17.85 -18.67
N MET A 660 -5.43 17.67 -19.76
CA MET A 660 -3.96 17.59 -19.74
C MET A 660 -3.32 18.90 -20.26
N PRO A 661 -2.09 19.19 -19.87
CA PRO A 661 -1.30 20.30 -20.45
C PRO A 661 -1.24 20.09 -21.96
N GLY A 662 -1.53 21.17 -22.70
CA GLY A 662 -1.53 21.10 -24.17
C GLY A 662 -2.92 20.89 -24.76
N GLU A 663 -3.88 20.45 -23.96
CA GLU A 663 -5.24 20.23 -24.46
C GLU A 663 -6.10 21.49 -24.37
N MET A 664 -7.07 21.56 -25.27
CA MET A 664 -7.99 22.70 -25.41
C MET A 664 -9.43 22.23 -25.42
N LEU A 665 -10.21 22.82 -24.53
CA LEU A 665 -11.68 22.66 -24.56
C LEU A 665 -12.29 23.52 -25.65
N THR A 666 -13.08 22.86 -26.48
CA THR A 666 -13.79 23.55 -27.58
C THR A 666 -15.30 23.49 -27.36
N LYS A 667 -16.04 24.06 -28.29
CA LYS A 667 -17.51 23.95 -28.29
C LYS A 667 -17.98 22.49 -28.39
N GLU A 668 -17.17 21.69 -29.11
CA GLU A 668 -17.41 20.24 -29.22
C GLU A 668 -17.37 19.53 -27.85
N SER A 669 -16.47 20.01 -26.99
CA SER A 669 -16.21 19.39 -25.69
C SER A 669 -16.57 20.30 -24.50
N ARG A 670 -17.62 21.10 -24.67
CA ARG A 670 -18.06 22.06 -23.63
C ARG A 670 -18.60 21.38 -22.36
N THR A 671 -19.11 20.15 -22.50
CA THR A 671 -19.60 19.40 -21.32
C THR A 671 -18.51 19.28 -20.25
N VAL A 672 -17.27 19.21 -20.69
CA VAL A 672 -16.12 19.14 -19.76
C VAL A 672 -16.13 20.35 -18.80
N LEU A 673 -16.30 21.55 -19.38
CA LEU A 673 -16.35 22.78 -18.58
C LEU A 673 -17.59 22.84 -17.68
N ASP A 674 -18.70 22.34 -18.19
CA ASP A 674 -19.98 22.35 -17.46
C ASP A 674 -19.92 21.54 -16.16
N PHE A 675 -19.20 20.43 -16.22
CA PHE A 675 -18.99 19.56 -15.04
C PHE A 675 -18.12 20.26 -13.98
N LEU A 676 -17.00 20.83 -14.44
CA LEU A 676 -16.10 21.59 -13.56
C LEU A 676 -16.76 22.79 -12.90
N LEU A 677 -17.60 23.48 -13.68
CA LEU A 677 -18.36 24.63 -13.17
C LEU A 677 -19.40 24.20 -12.13
N MET A 678 -20.01 23.05 -12.39
CA MET A 678 -21.00 22.46 -11.49
C MET A 678 -20.36 22.08 -10.16
N LEU A 679 -19.12 21.59 -10.19
CA LEU A 679 -18.38 21.25 -8.96
C LEU A 679 -18.09 22.47 -8.09
N CYS A 680 -17.74 23.56 -8.76
CA CYS A 680 -17.49 24.85 -8.08
C CYS A 680 -18.77 25.48 -7.53
N SER A 681 -19.86 25.31 -8.27
CA SER A 681 -21.19 25.83 -7.87
C SER A 681 -21.76 25.06 -6.67
N VAL A 682 -21.85 23.75 -6.80
CA VAL A 682 -22.40 22.88 -5.74
C VAL A 682 -21.61 22.95 -4.42
N GLY A 683 -20.29 23.15 -4.59
CA GLY A 683 -19.33 23.15 -3.47
C GLY A 683 -19.32 24.43 -2.63
N GLN A 684 -20.05 25.46 -3.07
CA GLN A 684 -20.01 26.77 -2.41
C GLN A 684 -21.01 26.95 -1.25
N HIS A 685 -21.98 26.04 -1.15
CA HIS A 685 -23.12 26.19 -0.25
C HIS A 685 -22.84 25.81 1.22
N TYR A 686 -22.09 24.73 1.41
CA TYR A 686 -21.92 24.17 2.76
C TYR A 686 -20.47 24.25 3.27
N PRO A 687 -20.29 24.95 4.40
CA PRO A 687 -19.00 25.01 5.10
C PRO A 687 -18.58 23.58 5.46
N GLY A 688 -17.32 23.25 5.16
CA GLY A 688 -16.80 21.88 5.34
C GLY A 688 -17.00 20.98 4.11
N PHE A 689 -17.77 21.47 3.14
CA PHE A 689 -18.07 20.73 1.90
C PHE A 689 -17.59 21.51 0.65
N GLU A 690 -16.37 22.05 0.75
CA GLU A 690 -15.79 22.88 -0.31
C GLU A 690 -15.42 22.06 -1.54
N THR A 691 -15.41 22.76 -2.67
CA THR A 691 -14.89 22.23 -3.95
C THR A 691 -13.43 21.81 -3.76
N ASP A 692 -13.02 20.82 -4.53
CA ASP A 692 -11.64 20.31 -4.49
C ASP A 692 -11.15 19.93 -5.90
N ILE A 693 -10.48 20.88 -6.52
CA ILE A 693 -9.97 20.71 -7.89
C ILE A 693 -8.47 21.08 -7.90
N HIS A 694 -7.64 20.06 -8.01
CA HIS A 694 -6.18 20.24 -8.20
C HIS A 694 -5.95 20.77 -9.62
N GLY A 695 -5.25 21.91 -9.68
CA GLY A 695 -5.00 22.59 -10.97
C GLY A 695 -5.78 23.91 -11.11
N ALA A 696 -6.75 24.12 -10.24
CA ALA A 696 -7.53 25.36 -10.18
C ALA A 696 -7.17 26.14 -8.92
N LYS A 697 -7.12 27.45 -9.07
CA LYS A 697 -6.73 28.36 -7.99
C LYS A 697 -7.93 29.13 -7.48
N GLN A 698 -8.37 28.77 -6.29
CA GLN A 698 -9.50 29.45 -5.63
C GLN A 698 -9.00 30.74 -4.98
N ASP A 699 -9.63 31.84 -5.37
CA ASP A 699 -9.30 33.18 -4.85
C ASP A 699 -10.09 33.45 -3.58
N GLU A 700 -9.63 34.43 -2.82
CA GLU A 700 -10.27 34.83 -1.55
C GLU A 700 -11.80 35.05 -1.69
N ASP A 701 -12.21 35.55 -2.85
CA ASP A 701 -13.64 35.79 -3.13
C ASP A 701 -14.36 34.55 -3.71
N GLY A 702 -13.65 33.41 -3.73
CA GLY A 702 -14.18 32.11 -4.18
C GLY A 702 -14.32 31.95 -5.70
N VAL A 703 -13.68 32.83 -6.47
CA VAL A 703 -13.58 32.67 -7.93
C VAL A 703 -12.36 31.79 -8.25
N TYR A 704 -12.46 31.01 -9.31
CA TYR A 704 -11.35 30.14 -9.75
C TYR A 704 -10.69 30.65 -11.02
N ARG A 705 -9.39 30.42 -11.07
CA ARG A 705 -8.55 30.72 -12.25
C ARG A 705 -7.67 29.53 -12.59
N VAL A 706 -7.39 29.41 -13.88
CA VAL A 706 -6.49 28.39 -14.45
C VAL A 706 -5.39 29.10 -15.27
N ARG A 707 -4.34 28.36 -15.56
CA ARG A 707 -3.24 28.87 -16.40
C ARG A 707 -3.39 28.38 -17.84
N VAL A 708 -3.23 29.32 -18.75
CA VAL A 708 -3.35 29.08 -20.21
C VAL A 708 -2.22 29.76 -20.95
N LEU A 709 -1.97 29.31 -22.17
CA LEU A 709 -0.95 29.99 -23.01
C LEU A 709 -1.51 31.31 -23.54
N LYS A 710 -0.64 32.30 -23.58
CA LYS A 710 -0.98 33.62 -24.15
C LYS A 710 -1.34 33.53 -25.64
#